data_4OTY
#
_entry.id   4OTY
#
_cell.length_a   122.663
_cell.length_b   133.173
_cell.length_c   181.546
_cell.angle_alpha   90.00
_cell.angle_beta   90.00
_cell.angle_gamma   90.00
#
_symmetry.space_group_name_H-M   'I 2 2 2'
#
loop_
_entity.id
_entity.type
_entity.pdbx_description
1 polymer 'Prostaglandin G/H synthase 2'
2 branched 2-acetamido-2-deoxy-beta-D-glucopyranose-(1-4)-2-acetamido-2-deoxy-beta-D-glucopyranose
3 non-polymer 2-acetamido-2-deoxy-beta-D-glucopyranose
4 non-polymer '{2-[(2-chloro-6-fluorophenyl)amino]-5-methylphenyl}acetic acid'
5 non-polymer 'octyl beta-D-glucopyranoside'
6 water water
#
_entity_poly.entity_id   1
_entity_poly.type   'polypeptide(L)'
_entity_poly.pdbx_seq_one_letter_code
;ANPCCSNPCQNRGECMSTGFDQYKCDCTRTGFYGENCTTPEFLTRIKLLLKPTPNTVHYILTHFKGVWNIVNNIPFLRSL
IMKYVLTSRSYLIDSPPTYNVHYGYKSWEAFSNLSYYTRALPPVADDCPTPMGVKGNKELPDSKEVLEKVLLRREFIPDP
QGSNMMFAFFAQHFTHQFFKTDHKRGPGFTRGLGHGVDLNHIYGETLDRQHKLRLFKDGKLKYQVIGGEVYPPTVKDTQV
EMIYPPHIPENLQFAVGQEVFGLVPGLMMYATIWLREHNRVCDILKQEHPEWGDEQLFQTSRLILIGETIKIVIEDYVQH
LSGYHFKLKFDPELLFNQQFQYQNRIASEFNTLYHWHPLLPDTFNIEDQEYSFKQFLYNNSILLEHGLTQFVESFTRQIA
GRVAGGRNVPIAVQAVAKASIDQSREMKYQSLNEYRKRFSLKPYTSFEELTGEKEMAAELKALYSDIDVMELYPALLVEK
PRPDAIFGETMVELGAPFSLKGLMGNPICSPQYWKPSTFGGEVGFKIINTASIQSLICNNVKGCPFTSFNVQDPQPTKTA
TINASASHSRLDDINPTVLIKRRSTEL
;
_entity_poly.pdbx_strand_id   A,B
#
loop_
_chem_comp.id
_chem_comp.type
_chem_comp.name
_chem_comp.formula
BOG D-saccharide 'octyl beta-D-glucopyranoside' 'C14 H28 O6'
LUR non-polymer '{2-[(2-chloro-6-fluorophenyl)amino]-5-methylphenyl}acetic acid' 'C15 H13 Cl F N O2'
NAG D-saccharide, beta linking 2-acetamido-2-deoxy-beta-D-glucopyranose 'C8 H15 N O6'
#
# COMPACT_ATOMS: atom_id res chain seq x y z
N ALA A 1 -29.35 -20.38 0.97
CA ALA A 1 -29.46 -20.44 2.41
C ALA A 1 -29.03 -19.12 3.05
N ASN A 2 -27.99 -18.53 2.50
CA ASN A 2 -27.49 -17.27 2.98
C ASN A 2 -28.54 -16.22 2.68
N PRO A 3 -28.95 -15.47 3.71
CA PRO A 3 -29.99 -14.46 3.56
C PRO A 3 -29.54 -13.22 2.79
N CYS A 4 -28.37 -13.26 2.16
CA CYS A 4 -27.92 -12.12 1.41
C CYS A 4 -27.74 -12.46 -0.06
N CYS A 5 -28.20 -13.63 -0.46
CA CYS A 5 -28.00 -14.16 -1.80
C CYS A 5 -28.71 -13.36 -2.90
N SER A 6 -29.76 -12.64 -2.52
CA SER A 6 -30.55 -11.91 -3.50
C SER A 6 -29.96 -10.53 -3.81
N ASN A 7 -28.83 -10.22 -3.20
CA ASN A 7 -28.23 -8.89 -3.25
C ASN A 7 -29.24 -7.79 -2.93
N PRO A 8 -29.83 -7.82 -1.72
CA PRO A 8 -30.92 -6.90 -1.38
C PRO A 8 -30.49 -5.45 -1.22
N CYS A 9 -29.43 -5.18 -0.46
CA CYS A 9 -29.01 -3.81 -0.22
C CYS A 9 -28.61 -3.08 -1.48
N GLN A 10 -28.96 -1.80 -1.58
CA GLN A 10 -28.70 -1.06 -2.79
C GLN A 10 -27.83 0.13 -2.54
N ASN A 11 -27.47 0.83 -3.60
CA ASN A 11 -26.71 2.04 -3.47
C ASN A 11 -25.46 1.88 -2.63
N ARG A 12 -24.81 0.74 -2.80
CA ARG A 12 -23.58 0.37 -2.12
C ARG A 12 -23.75 0.17 -0.65
N GLY A 13 -24.93 -0.27 -0.27
CA GLY A 13 -25.11 -0.66 1.11
C GLY A 13 -24.56 -2.07 1.31
N GLU A 14 -24.08 -2.38 2.51
CA GLU A 14 -23.49 -3.68 2.78
C GLU A 14 -24.43 -4.63 3.51
N CYS A 15 -24.63 -5.81 2.96
CA CYS A 15 -25.51 -6.81 3.56
C CYS A 15 -24.81 -7.67 4.60
N MET A 16 -25.47 -7.87 5.73
CA MET A 16 -24.93 -8.72 6.79
C MET A 16 -26.03 -9.56 7.42
N SER A 17 -25.81 -10.87 7.48
CA SER A 17 -26.79 -11.76 8.09
C SER A 17 -26.84 -11.57 9.59
N THR A 18 -28.02 -11.76 10.17
CA THR A 18 -28.21 -11.64 11.61
C THR A 18 -28.84 -12.92 12.16
N GLY A 19 -29.30 -13.76 11.25
CA GLY A 19 -29.83 -15.06 11.58
C GLY A 19 -29.69 -15.95 10.36
N PHE A 20 -30.27 -17.14 10.41
CA PHE A 20 -30.19 -18.07 9.28
C PHE A 20 -31.01 -17.55 8.09
N ASP A 21 -32.02 -16.74 8.38
CA ASP A 21 -32.90 -16.22 7.35
C ASP A 21 -33.14 -14.71 7.49
N GLN A 22 -32.20 -14.03 8.13
CA GLN A 22 -32.34 -12.59 8.39
C GLN A 22 -31.10 -11.82 7.96
N TYR A 23 -31.32 -10.61 7.46
CA TYR A 23 -30.21 -9.76 7.03
C TYR A 23 -30.44 -8.30 7.44
N LYS A 24 -29.35 -7.55 7.54
CA LYS A 24 -29.43 -6.12 7.78
C LYS A 24 -28.53 -5.37 6.81
N CYS A 25 -28.97 -4.20 6.36
CA CYS A 25 -28.19 -3.38 5.45
C CYS A 25 -27.47 -2.25 6.17
N ASP A 26 -26.18 -2.12 5.92
CA ASP A 26 -25.40 -1.01 6.45
C ASP A 26 -25.40 0.14 5.43
N CYS A 27 -26.14 1.20 5.75
CA CYS A 27 -26.31 2.32 4.84
C CYS A 27 -25.37 3.49 5.16
N THR A 28 -24.32 3.21 5.93
CA THR A 28 -23.39 4.24 6.38
C THR A 28 -22.74 5.00 5.22
N ARG A 29 -22.88 6.32 5.23
CA ARG A 29 -22.25 7.17 4.23
C ARG A 29 -22.65 6.83 2.79
N THR A 30 -23.77 6.16 2.61
CA THR A 30 -24.27 5.85 1.28
C THR A 30 -25.13 6.98 0.73
N GLY A 31 -25.67 7.80 1.62
CA GLY A 31 -26.56 8.87 1.24
C GLY A 31 -28.01 8.40 1.25
N PHE A 32 -28.19 7.10 1.45
CA PHE A 32 -29.52 6.49 1.51
C PHE A 32 -29.75 5.86 2.88
N TYR A 33 -31.00 5.48 3.15
CA TYR A 33 -31.32 4.70 4.33
C TYR A 33 -32.57 3.86 4.10
N GLY A 34 -33.05 3.21 5.16
CA GLY A 34 -34.15 2.28 5.04
C GLY A 34 -33.65 0.85 5.11
N GLU A 35 -34.55 -0.11 4.95
CA GLU A 35 -34.21 -1.52 5.06
C GLU A 35 -33.23 -1.96 3.98
N ASN A 36 -33.42 -1.44 2.77
CA ASN A 36 -32.60 -1.84 1.63
C ASN A 36 -31.75 -0.70 1.07
N CYS A 37 -31.59 0.36 1.86
CA CYS A 37 -30.81 1.53 1.46
C CYS A 37 -31.34 2.16 0.17
N THR A 38 -32.64 2.37 0.10
CA THR A 38 -33.27 2.91 -1.10
C THR A 38 -33.99 4.24 -0.85
N THR A 39 -33.95 4.71 0.39
CA THR A 39 -34.56 6.00 0.72
C THR A 39 -33.51 7.11 0.72
N PRO A 40 -33.55 7.98 -0.30
CA PRO A 40 -32.54 9.03 -0.45
C PRO A 40 -32.65 10.11 0.60
N GLU A 41 -31.52 10.46 1.21
CA GLU A 41 -31.48 11.58 2.15
C GLU A 41 -31.68 12.88 1.38
N PHE A 42 -31.93 13.96 2.10
CA PHE A 42 -32.32 15.23 1.48
C PHE A 42 -31.36 15.71 0.40
N LEU A 43 -30.06 15.71 0.71
CA LEU A 43 -29.07 16.20 -0.24
C LEU A 43 -28.87 15.24 -1.41
N THR A 44 -29.31 13.99 -1.24
CA THR A 44 -29.08 12.97 -2.24
C THR A 44 -29.98 13.13 -3.46
N ARG A 45 -31.29 13.25 -3.24
CA ARG A 45 -32.22 13.37 -4.36
C ARG A 45 -31.96 14.65 -5.15
N ILE A 46 -31.36 15.63 -4.49
CA ILE A 46 -30.94 16.86 -5.15
C ILE A 46 -29.93 16.56 -6.26
N LYS A 47 -28.89 15.82 -5.92
CA LYS A 47 -27.87 15.45 -6.89
C LYS A 47 -28.39 14.46 -7.92
N LEU A 48 -29.46 13.74 -7.57
CA LEU A 48 -30.03 12.74 -8.46
C LEU A 48 -30.63 13.34 -9.73
N LEU A 49 -30.94 14.64 -9.67
CA LEU A 49 -31.46 15.35 -10.84
C LEU A 49 -30.36 16.21 -11.46
N LEU A 50 -29.40 16.63 -10.63
CA LEU A 50 -28.31 17.48 -11.09
C LEU A 50 -27.22 16.67 -11.78
N LYS A 51 -27.28 15.35 -11.66
CA LYS A 51 -26.28 14.48 -12.27
C LYS A 51 -26.74 13.95 -13.62
N PRO A 52 -26.05 14.35 -14.70
CA PRO A 52 -26.36 13.90 -16.05
C PRO A 52 -25.96 12.44 -16.27
N THR A 53 -26.67 11.76 -17.17
CA THR A 53 -26.34 10.37 -17.50
C THR A 53 -24.98 10.29 -18.19
N PRO A 54 -24.27 9.17 -18.00
CA PRO A 54 -22.96 8.97 -18.64
C PRO A 54 -23.02 9.11 -20.16
N ASN A 55 -24.15 8.77 -20.76
CA ASN A 55 -24.33 8.90 -22.19
C ASN A 55 -24.39 10.37 -22.62
N THR A 56 -24.98 11.20 -21.75
CA THR A 56 -25.04 12.63 -22.00
C THR A 56 -23.65 13.26 -21.94
N VAL A 57 -22.91 12.93 -20.89
CA VAL A 57 -21.54 13.45 -20.71
C VAL A 57 -20.64 13.02 -21.86
N HIS A 58 -20.80 11.77 -22.30
CA HIS A 58 -20.05 11.25 -23.42
C HIS A 58 -20.39 11.99 -24.71
N TYR A 59 -21.64 12.40 -24.82
CA TYR A 59 -22.11 13.12 -26.00
C TYR A 59 -21.40 14.48 -26.10
N ILE A 60 -21.22 15.12 -24.97
CA ILE A 60 -20.61 16.45 -24.93
C ILE A 60 -19.12 16.40 -25.28
N LEU A 61 -18.42 15.39 -24.75
CA LEU A 61 -17.00 15.24 -24.99
C LEU A 61 -16.71 14.77 -26.42
N THR A 62 -17.73 14.22 -27.08
CA THR A 62 -17.56 13.70 -28.43
C THR A 62 -18.21 14.60 -29.48
N HIS A 63 -18.61 15.79 -29.06
CA HIS A 63 -19.17 16.78 -29.98
C HIS A 63 -18.64 18.17 -29.66
N PHE A 64 -19.14 19.18 -30.38
CA PHE A 64 -18.70 20.56 -30.23
C PHE A 64 -17.18 20.67 -30.41
N LYS A 65 -16.68 20.14 -31.52
CA LYS A 65 -15.25 20.07 -31.78
C LYS A 65 -14.60 21.45 -31.76
N GLY A 66 -15.27 22.42 -32.37
CA GLY A 66 -14.76 23.78 -32.41
C GLY A 66 -14.68 24.40 -31.04
N VAL A 67 -15.60 24.03 -30.16
CA VAL A 67 -15.62 24.53 -28.80
C VAL A 67 -14.43 23.99 -28.00
N TRP A 68 -14.20 22.68 -28.12
CA TRP A 68 -13.09 22.04 -27.43
C TRP A 68 -11.75 22.56 -27.95
N ASN A 69 -11.71 22.93 -29.23
CA ASN A 69 -10.51 23.52 -29.81
C ASN A 69 -10.16 24.84 -29.12
N ILE A 70 -11.17 25.51 -28.59
CA ILE A 70 -10.96 26.72 -27.79
C ILE A 70 -10.58 26.34 -26.37
N VAL A 71 -11.27 25.35 -25.82
CA VAL A 71 -11.04 24.91 -24.45
C VAL A 71 -9.64 24.32 -24.26
N ASN A 72 -9.22 23.50 -25.22
CA ASN A 72 -7.93 22.83 -25.15
C ASN A 72 -6.75 23.81 -25.13
N ASN A 73 -6.98 25.04 -25.59
CA ASN A 73 -5.93 26.04 -25.64
C ASN A 73 -6.02 27.04 -24.48
N ILE A 74 -6.86 26.72 -23.50
CA ILE A 74 -6.95 27.52 -22.28
C ILE A 74 -6.55 26.65 -21.09
N PRO A 75 -5.28 26.75 -20.68
CA PRO A 75 -4.64 25.92 -19.65
C PRO A 75 -5.45 25.79 -18.36
N PHE A 76 -5.99 26.91 -17.88
CA PHE A 76 -6.81 26.90 -16.68
C PHE A 76 -8.04 26.04 -16.86
N LEU A 77 -8.72 26.23 -18.00
CA LEU A 77 -9.95 25.52 -18.28
C LEU A 77 -9.69 24.04 -18.58
N ARG A 78 -8.60 23.76 -19.29
CA ARG A 78 -8.22 22.40 -19.61
C ARG A 78 -7.92 21.61 -18.34
N SER A 79 -7.07 22.19 -17.49
CA SER A 79 -6.70 21.58 -16.23
C SER A 79 -7.91 21.35 -15.34
N LEU A 80 -8.83 22.32 -15.32
CA LEU A 80 -10.02 22.22 -14.50
C LEU A 80 -10.90 21.05 -14.94
N ILE A 81 -11.09 20.92 -16.25
CA ILE A 81 -11.89 19.84 -16.79
C ILE A 81 -11.23 18.48 -16.57
N MET A 82 -9.92 18.41 -16.79
CA MET A 82 -9.17 17.19 -16.56
C MET A 82 -9.21 16.81 -15.09
N LYS A 83 -9.24 17.83 -14.23
CA LYS A 83 -9.35 17.64 -12.79
C LYS A 83 -10.64 16.92 -12.43
N TYR A 84 -11.74 17.30 -13.10
CA TYR A 84 -13.04 16.67 -12.89
C TYR A 84 -13.04 15.23 -13.37
N VAL A 85 -12.33 14.98 -14.47
CA VAL A 85 -12.24 13.66 -15.06
C VAL A 85 -11.58 12.68 -14.09
N LEU A 86 -10.55 13.14 -13.41
CA LEU A 86 -9.80 12.27 -12.49
C LEU A 86 -10.56 11.96 -11.20
N THR A 87 -11.18 12.98 -10.62
CA THR A 87 -11.83 12.83 -9.31
C THR A 87 -13.14 12.05 -9.37
N SER A 88 -13.99 12.40 -10.34
CA SER A 88 -15.32 11.79 -10.46
C SER A 88 -15.24 10.27 -10.72
N ARG A 89 -14.17 9.84 -11.37
CA ARG A 89 -14.00 8.42 -11.67
C ARG A 89 -13.49 7.63 -10.47
N SER A 90 -12.49 8.17 -9.80
CA SER A 90 -11.79 7.44 -8.75
C SER A 90 -12.62 7.20 -7.50
N TYR A 91 -13.75 7.89 -7.38
CA TYR A 91 -14.57 7.71 -6.18
C TYR A 91 -15.34 6.39 -6.23
N LEU A 92 -15.47 5.80 -7.42
CA LEU A 92 -16.15 4.51 -7.56
C LEU A 92 -15.35 3.33 -7.03
N ILE A 93 -14.04 3.51 -6.85
CA ILE A 93 -13.15 2.41 -6.48
C ILE A 93 -12.84 2.34 -4.98
N ASP A 94 -13.01 1.17 -4.39
CA ASP A 94 -12.65 0.97 -2.98
C ASP A 94 -11.13 0.99 -2.82
N SER A 95 -10.64 1.97 -2.06
CA SER A 95 -9.22 2.09 -1.80
C SER A 95 -9.00 2.63 -0.39
N PRO A 96 -8.39 1.83 0.50
CA PRO A 96 -7.88 0.44 0.40
C PRO A 96 -8.93 -0.57 -0.05
N PRO A 97 -8.50 -1.67 -0.65
CA PRO A 97 -9.42 -2.64 -1.24
C PRO A 97 -10.16 -3.51 -0.26
N THR A 98 -11.15 -4.20 -0.74
CA THR A 98 -12.04 -4.96 0.10
C THR A 98 -12.14 -6.44 -0.20
N TYR A 99 -13.01 -6.83 -1.08
CA TYR A 99 -13.32 -8.22 -1.30
C TYR A 99 -12.38 -8.91 -2.27
N ASN A 100 -12.36 -10.22 -2.25
CA ASN A 100 -11.69 -11.01 -3.26
C ASN A 100 -12.49 -12.26 -3.51
N VAL A 101 -12.01 -13.16 -4.34
CA VAL A 101 -12.77 -14.32 -4.79
C VAL A 101 -13.19 -15.23 -3.62
N HIS A 102 -12.46 -15.17 -2.52
CA HIS A 102 -12.74 -16.04 -1.37
C HIS A 102 -13.38 -15.30 -0.20
N TYR A 103 -13.55 -13.99 -0.31
CA TYR A 103 -14.14 -13.23 0.78
C TYR A 103 -15.19 -12.23 0.32
N GLY A 104 -16.45 -12.53 0.64
CA GLY A 104 -17.57 -11.65 0.35
C GLY A 104 -17.82 -10.70 1.51
N TYR A 105 -16.92 -10.75 2.49
CA TYR A 105 -16.95 -9.83 3.61
C TYR A 105 -15.53 -9.34 3.85
N LYS A 106 -15.40 -8.13 4.39
CA LYS A 106 -14.08 -7.57 4.66
C LYS A 106 -13.32 -8.39 5.71
N SER A 107 -12.05 -8.63 5.43
CA SER A 107 -11.19 -9.38 6.34
C SER A 107 -9.75 -8.96 6.15
N TRP A 108 -8.92 -9.21 7.14
CA TRP A 108 -7.55 -8.87 7.05
C TRP A 108 -6.86 -9.74 6.02
N GLU A 109 -7.34 -10.95 5.81
CA GLU A 109 -6.79 -11.81 4.80
C GLU A 109 -7.04 -11.28 3.41
N ALA A 110 -8.19 -10.70 3.20
CA ALA A 110 -8.52 -10.16 1.92
C ALA A 110 -7.77 -8.89 1.64
N PHE A 111 -7.48 -8.13 2.66
CA PHE A 111 -6.72 -6.90 2.51
C PHE A 111 -5.22 -7.14 2.31
N SER A 112 -4.65 -8.01 3.12
CA SER A 112 -3.19 -8.12 3.22
C SER A 112 -2.56 -9.03 2.15
N ASN A 113 -3.32 -10.01 1.68
CA ASN A 113 -2.80 -11.01 0.75
C ASN A 113 -2.78 -10.49 -0.69
N LEU A 114 -1.60 -10.06 -1.14
CA LEU A 114 -1.46 -9.42 -2.44
C LEU A 114 -1.55 -10.39 -3.62
N SER A 115 -1.59 -11.70 -3.35
CA SER A 115 -1.68 -12.68 -4.42
C SER A 115 -3.08 -12.76 -5.02
N TYR A 116 -4.07 -12.19 -4.31
CA TYR A 116 -5.43 -12.09 -4.83
C TYR A 116 -5.60 -10.89 -5.75
N TYR A 117 -6.39 -11.04 -6.80
CA TYR A 117 -7.02 -9.90 -7.45
C TYR A 117 -8.07 -9.39 -6.47
N THR A 118 -8.30 -8.08 -6.42
CA THR A 118 -9.37 -7.58 -5.57
C THR A 118 -10.70 -7.66 -6.33
N ARG A 119 -11.80 -7.38 -5.65
CA ARG A 119 -13.11 -7.48 -6.28
C ARG A 119 -13.94 -6.23 -6.03
N ALA A 120 -14.45 -5.64 -7.11
CA ALA A 120 -15.29 -4.46 -7.03
C ALA A 120 -16.64 -4.83 -6.43
N LEU A 121 -17.09 -6.04 -6.76
CA LEU A 121 -18.27 -6.63 -6.13
C LEU A 121 -17.91 -7.99 -5.55
N PRO A 122 -18.36 -8.26 -4.32
CA PRO A 122 -18.07 -9.54 -3.65
C PRO A 122 -18.61 -10.72 -4.46
N PRO A 123 -18.06 -11.92 -4.23
CA PRO A 123 -18.55 -13.08 -4.96
C PRO A 123 -19.91 -13.54 -4.45
N VAL A 124 -20.74 -14.07 -5.34
CA VAL A 124 -21.97 -14.74 -4.93
C VAL A 124 -21.61 -15.93 -4.06
N ALA A 125 -22.26 -16.04 -2.90
CA ALA A 125 -21.96 -17.08 -1.93
C ALA A 125 -22.13 -18.49 -2.50
N ASP A 126 -21.40 -19.44 -1.93
CA ASP A 126 -21.42 -20.82 -2.41
C ASP A 126 -22.77 -21.50 -2.16
N ASP A 127 -23.44 -21.13 -1.08
CA ASP A 127 -24.68 -21.81 -0.70
C ASP A 127 -25.92 -21.14 -1.29
N CYS A 128 -25.70 -20.28 -2.29
CA CYS A 128 -26.82 -19.68 -3.02
C CYS A 128 -27.41 -20.69 -4.01
N PRO A 129 -28.74 -20.67 -4.17
CA PRO A 129 -29.44 -21.62 -5.04
C PRO A 129 -29.10 -21.46 -6.52
N THR A 130 -28.83 -20.23 -6.95
CA THR A 130 -28.47 -19.99 -8.35
C THR A 130 -27.12 -19.30 -8.46
N PRO A 131 -26.45 -19.43 -9.61
CA PRO A 131 -25.15 -18.77 -9.80
C PRO A 131 -25.21 -17.25 -9.61
N MET A 132 -26.31 -16.62 -9.99
CA MET A 132 -26.43 -15.17 -9.84
C MET A 132 -26.98 -14.78 -8.47
N GLY A 133 -27.37 -15.76 -7.68
CA GLY A 133 -27.90 -15.51 -6.35
C GLY A 133 -29.22 -16.22 -6.10
N VAL A 134 -30.31 -15.66 -6.64
CA VAL A 134 -31.63 -16.29 -6.52
C VAL A 134 -32.38 -16.31 -7.85
N LYS A 135 -31.96 -15.45 -8.79
CA LYS A 135 -32.61 -15.35 -10.09
C LYS A 135 -32.07 -16.36 -11.08
N GLY A 136 -32.80 -16.59 -12.17
CA GLY A 136 -32.37 -17.48 -13.23
C GLY A 136 -32.47 -18.95 -12.89
N ASN A 137 -31.97 -19.79 -13.80
CA ASN A 137 -32.05 -21.23 -13.62
C ASN A 137 -30.99 -21.77 -12.66
N LYS A 138 -31.09 -23.06 -12.34
CA LYS A 138 -30.17 -23.72 -11.44
C LYS A 138 -28.75 -23.62 -11.96
N GLU A 139 -28.61 -23.70 -13.27
CA GLU A 139 -27.32 -23.52 -13.93
C GLU A 139 -27.42 -22.47 -15.02
N LEU A 140 -26.32 -21.78 -15.29
CA LEU A 140 -26.25 -20.80 -16.35
C LEU A 140 -26.27 -21.50 -17.71
N PRO A 141 -26.66 -20.78 -18.78
CA PRO A 141 -26.68 -21.37 -20.13
C PRO A 141 -25.31 -21.89 -20.57
N ASP A 142 -25.30 -22.80 -21.53
CA ASP A 142 -24.05 -23.36 -22.04
C ASP A 142 -23.18 -22.25 -22.62
N SER A 143 -21.96 -22.15 -22.12
CA SER A 143 -21.04 -21.11 -22.56
C SER A 143 -20.67 -21.29 -24.02
N LYS A 144 -20.70 -22.53 -24.49
CA LYS A 144 -20.42 -22.85 -25.89
C LYS A 144 -21.52 -22.28 -26.81
N GLU A 145 -22.76 -22.36 -26.35
CA GLU A 145 -23.89 -21.84 -27.11
C GLU A 145 -23.92 -20.32 -27.10
N VAL A 146 -23.53 -19.72 -25.98
CA VAL A 146 -23.41 -18.27 -25.89
C VAL A 146 -22.32 -17.78 -26.83
N LEU A 147 -21.18 -18.46 -26.78
CA LEU A 147 -20.03 -18.11 -27.61
C LEU A 147 -20.34 -18.18 -29.11
N GLU A 148 -21.07 -19.21 -29.52
CA GLU A 148 -21.30 -19.46 -30.94
C GLU A 148 -22.40 -18.58 -31.53
N LYS A 149 -23.41 -18.28 -30.73
CA LYS A 149 -24.56 -17.54 -31.23
C LYS A 149 -24.30 -16.03 -31.33
N VAL A 150 -23.68 -15.45 -30.32
CA VAL A 150 -23.56 -14.00 -30.25
C VAL A 150 -22.14 -13.46 -30.12
N LEU A 151 -21.15 -14.34 -30.02
CA LEU A 151 -19.77 -13.88 -29.82
C LEU A 151 -18.86 -14.18 -31.00
N LEU A 152 -18.98 -15.38 -31.57
CA LEU A 152 -18.09 -15.82 -32.66
C LEU A 152 -18.21 -14.93 -33.90
N ARG A 153 -17.08 -14.70 -34.55
CA ARG A 153 -17.01 -13.79 -35.69
C ARG A 153 -17.40 -14.47 -37.00
N ARG A 154 -18.47 -13.98 -37.62
CA ARG A 154 -18.86 -14.43 -38.95
C ARG A 154 -18.00 -13.71 -39.98
N GLU A 155 -18.16 -12.40 -40.05
CA GLU A 155 -17.34 -11.57 -40.94
C GLU A 155 -16.72 -10.44 -40.12
N PHE A 156 -15.48 -10.09 -40.45
CA PHE A 156 -14.72 -9.11 -39.68
C PHE A 156 -15.40 -7.75 -39.61
N ILE A 157 -15.59 -7.25 -38.39
CA ILE A 157 -16.19 -5.93 -38.19
C ILE A 157 -15.13 -4.94 -37.71
N PRO A 158 -14.62 -4.12 -38.64
CA PRO A 158 -13.55 -3.16 -38.34
C PRO A 158 -13.99 -2.08 -37.35
N ASP A 159 -13.07 -1.62 -36.53
CA ASP A 159 -13.36 -0.58 -35.56
C ASP A 159 -13.65 0.75 -36.26
N PRO A 160 -14.85 1.31 -36.01
CA PRO A 160 -15.25 2.60 -36.55
C PRO A 160 -14.34 3.75 -36.09
N GLN A 161 -13.66 3.58 -34.96
CA GLN A 161 -12.73 4.58 -34.47
C GLN A 161 -11.35 4.39 -35.10
N GLY A 162 -11.22 3.36 -35.92
CA GLY A 162 -10.01 3.13 -36.69
C GLY A 162 -8.80 2.66 -35.91
N SER A 163 -9.01 2.02 -34.77
CA SER A 163 -7.91 1.47 -33.98
C SER A 163 -7.05 0.52 -34.81
N ASN A 164 -5.74 0.59 -34.64
CA ASN A 164 -4.83 -0.24 -35.40
C ASN A 164 -4.17 -1.32 -34.56
N MET A 165 -3.22 -2.03 -35.14
CA MET A 165 -2.54 -3.09 -34.42
C MET A 165 -1.49 -2.52 -33.46
N MET A 166 -1.06 -1.29 -33.71
CA MET A 166 -0.19 -0.61 -32.76
C MET A 166 -0.93 -0.41 -31.44
N PHE A 167 -2.21 -0.06 -31.55
CA PHE A 167 -3.08 0.08 -30.38
C PHE A 167 -3.31 -1.27 -29.72
N ALA A 168 -3.66 -2.26 -30.53
CA ALA A 168 -4.00 -3.60 -30.06
C ALA A 168 -2.84 -4.24 -29.29
N PHE A 169 -1.63 -4.15 -29.84
CA PHE A 169 -0.48 -4.76 -29.19
C PHE A 169 0.01 -3.93 -28.01
N PHE A 170 -0.17 -2.61 -28.08
CA PHE A 170 0.19 -1.77 -26.94
C PHE A 170 -0.68 -2.14 -25.75
N ALA A 171 -1.97 -2.33 -26.00
CA ALA A 171 -2.90 -2.72 -24.95
C ALA A 171 -2.46 -4.02 -24.30
N GLN A 172 -2.14 -5.01 -25.13
CA GLN A 172 -1.74 -6.31 -24.62
C GLN A 172 -0.41 -6.24 -23.88
N HIS A 173 0.53 -5.47 -24.42
CA HIS A 173 1.83 -5.30 -23.78
C HIS A 173 1.71 -4.54 -22.46
N PHE A 174 1.10 -3.37 -22.52
CA PHE A 174 0.95 -2.53 -21.33
C PHE A 174 0.22 -3.24 -20.18
N THR A 175 -0.92 -3.87 -20.47
CA THR A 175 -1.74 -4.46 -19.41
C THR A 175 -1.18 -5.75 -18.83
N HIS A 176 -0.34 -6.44 -19.59
CA HIS A 176 0.20 -7.72 -19.12
C HIS A 176 1.29 -7.54 -18.05
N GLN A 177 1.46 -6.32 -17.57
CA GLN A 177 2.33 -6.09 -16.43
C GLN A 177 1.53 -6.16 -15.12
N PHE A 178 0.21 -5.95 -15.19
CA PHE A 178 -0.59 -6.07 -13.97
C PHE A 178 -1.72 -7.10 -14.09
N PHE A 179 -1.95 -7.61 -15.30
CA PHE A 179 -2.79 -8.80 -15.47
C PHE A 179 -1.90 -10.03 -15.67
N LYS A 180 -1.43 -10.60 -14.58
CA LYS A 180 -0.58 -11.78 -14.63
C LYS A 180 -1.15 -12.90 -13.78
N THR A 181 -2.10 -13.63 -14.35
CA THR A 181 -2.86 -14.62 -13.61
C THR A 181 -2.01 -15.80 -13.14
N ASP A 182 -2.16 -16.14 -11.86
CA ASP A 182 -1.49 -17.29 -11.27
C ASP A 182 -2.34 -18.54 -11.47
N HIS A 183 -2.20 -19.17 -12.63
CA HIS A 183 -3.05 -20.30 -13.01
C HIS A 183 -2.89 -21.50 -12.08
N LYS A 184 -1.78 -21.55 -11.33
CA LYS A 184 -1.57 -22.62 -10.37
C LYS A 184 -2.50 -22.48 -9.16
N ARG A 185 -2.85 -21.25 -8.82
CA ARG A 185 -3.74 -20.99 -7.70
C ARG A 185 -5.19 -20.86 -8.16
N GLY A 186 -5.39 -20.18 -9.28
CA GLY A 186 -6.72 -19.97 -9.81
C GLY A 186 -6.84 -18.64 -10.54
N PRO A 187 -7.93 -18.47 -11.29
CA PRO A 187 -8.15 -17.27 -12.11
C PRO A 187 -8.37 -16.00 -11.28
N GLY A 188 -8.54 -16.15 -9.97
CA GLY A 188 -8.70 -15.01 -9.07
C GLY A 188 -7.40 -14.59 -8.42
N PHE A 189 -6.29 -15.20 -8.83
CA PHE A 189 -4.98 -14.89 -8.26
C PHE A 189 -4.05 -14.27 -9.28
N THR A 190 -3.11 -13.45 -8.80
CA THR A 190 -2.18 -12.75 -9.67
C THR A 190 -0.73 -12.95 -9.21
N ARG A 191 0.21 -12.80 -10.14
CA ARG A 191 1.62 -12.87 -9.80
C ARG A 191 2.23 -11.48 -9.77
N GLY A 192 1.48 -10.50 -10.29
CA GLY A 192 1.90 -9.11 -10.25
C GLY A 192 1.61 -8.49 -8.90
N LEU A 193 2.53 -8.68 -7.96
CA LEU A 193 2.34 -8.22 -6.59
C LEU A 193 2.51 -6.70 -6.47
N GLY A 194 2.95 -6.08 -7.55
CA GLY A 194 3.09 -4.63 -7.60
C GLY A 194 1.74 -3.96 -7.83
N HIS A 195 0.81 -4.70 -8.39
CA HIS A 195 -0.57 -4.26 -8.63
C HIS A 195 -0.66 -2.90 -9.33
N GLY A 196 0.15 -2.72 -10.36
CA GLY A 196 0.08 -1.49 -11.12
C GLY A 196 1.18 -1.33 -12.15
N VAL A 197 1.42 -0.09 -12.56
CA VAL A 197 2.41 0.21 -13.57
C VAL A 197 3.80 0.27 -12.95
N ASP A 198 4.41 -0.89 -12.71
CA ASP A 198 5.76 -0.93 -12.17
C ASP A 198 6.76 -1.31 -13.26
N LEU A 199 6.25 -1.68 -14.43
CA LEU A 199 7.05 -2.09 -15.57
C LEU A 199 7.81 -3.38 -15.30
N ASN A 200 7.18 -4.29 -14.55
CA ASN A 200 7.79 -5.60 -14.31
C ASN A 200 7.89 -6.39 -15.60
N HIS A 201 7.06 -6.04 -16.58
CA HIS A 201 7.09 -6.70 -17.89
C HIS A 201 8.34 -6.30 -18.70
N ILE A 202 9.12 -5.37 -18.15
CA ILE A 202 10.37 -4.95 -18.76
C ILE A 202 11.56 -5.32 -17.88
N TYR A 203 11.40 -5.09 -16.58
CA TYR A 203 12.51 -5.25 -15.63
C TYR A 203 12.44 -6.56 -14.85
N GLY A 204 11.29 -7.22 -14.87
CA GLY A 204 11.14 -8.46 -14.14
C GLY A 204 10.44 -8.27 -12.81
N GLU A 205 9.63 -9.26 -12.44
CA GLU A 205 8.85 -9.21 -11.20
C GLU A 205 9.74 -9.28 -9.95
N THR A 206 10.83 -10.02 -10.03
CA THR A 206 11.71 -10.22 -8.89
C THR A 206 13.08 -9.59 -9.09
N LEU A 207 13.76 -9.30 -7.98
CA LEU A 207 15.09 -8.71 -8.03
C LEU A 207 16.08 -9.66 -8.72
N ASP A 208 15.92 -10.95 -8.46
CA ASP A 208 16.75 -11.98 -9.06
C ASP A 208 16.66 -11.97 -10.59
N ARG A 209 15.44 -11.93 -11.11
CA ARG A 209 15.22 -11.87 -12.55
C ARG A 209 15.72 -10.55 -13.14
N GLN A 210 15.58 -9.47 -12.38
CA GLN A 210 16.03 -8.15 -12.82
C GLN A 210 17.54 -8.10 -13.01
N HIS A 211 18.28 -8.63 -12.04
CA HIS A 211 19.72 -8.60 -12.07
C HIS A 211 20.29 -9.36 -13.27
N LYS A 212 19.65 -10.48 -13.61
CA LYS A 212 20.07 -11.28 -14.74
C LYS A 212 19.76 -10.58 -16.07
N LEU A 213 18.81 -9.66 -16.04
CA LEU A 213 18.47 -8.88 -17.23
C LEU A 213 19.33 -7.63 -17.36
N ARG A 214 20.03 -7.28 -16.29
CA ARG A 214 20.80 -6.03 -16.26
C ARG A 214 22.26 -6.22 -16.68
N LEU A 215 22.80 -5.19 -17.32
CA LEU A 215 24.18 -5.20 -17.80
C LEU A 215 25.14 -4.81 -16.68
N PHE A 216 24.61 -4.09 -15.70
CA PHE A 216 25.39 -3.54 -14.58
C PHE A 216 26.50 -2.61 -15.09
N LYS A 217 26.25 -2.01 -16.24
CA LYS A 217 27.10 -0.96 -16.79
C LYS A 217 26.21 0.18 -17.27
N ASP A 218 26.46 1.39 -16.77
CA ASP A 218 25.71 2.58 -17.15
C ASP A 218 24.21 2.46 -16.94
N GLY A 219 23.80 1.60 -16.00
CA GLY A 219 22.41 1.42 -15.68
C GLY A 219 21.60 0.70 -16.74
N LYS A 220 22.28 0.09 -17.71
CA LYS A 220 21.60 -0.46 -18.86
C LYS A 220 21.13 -1.89 -18.69
N LEU A 221 20.22 -2.30 -19.58
CA LEU A 221 19.79 -3.69 -19.67
C LEU A 221 20.61 -4.41 -20.73
N LYS A 222 20.83 -5.71 -20.54
CA LYS A 222 21.52 -6.52 -21.53
C LYS A 222 20.79 -6.49 -22.87
N TYR A 223 21.56 -6.59 -23.94
CA TYR A 223 21.02 -6.60 -25.29
C TYR A 223 22.00 -7.26 -26.24
N GLN A 224 21.49 -7.72 -27.38
CA GLN A 224 22.35 -8.27 -28.41
C GLN A 224 22.16 -7.49 -29.70
N VAL A 225 23.13 -7.59 -30.60
CA VAL A 225 23.06 -6.92 -31.89
C VAL A 225 22.88 -7.93 -33.01
N ILE A 226 21.78 -7.83 -33.73
CA ILE A 226 21.52 -8.72 -34.85
C ILE A 226 21.31 -7.90 -36.13
N GLY A 227 22.30 -7.93 -37.01
CA GLY A 227 22.24 -7.16 -38.24
C GLY A 227 22.24 -5.66 -38.00
N GLY A 228 23.06 -5.23 -37.04
CA GLY A 228 23.15 -3.83 -36.69
C GLY A 228 21.96 -3.33 -35.89
N GLU A 229 21.08 -4.23 -35.48
CA GLU A 229 19.88 -3.87 -34.75
C GLU A 229 19.88 -4.39 -33.32
N VAL A 230 19.43 -3.56 -32.39
CA VAL A 230 19.38 -3.93 -30.97
C VAL A 230 18.15 -4.77 -30.64
N TYR A 231 18.39 -5.91 -29.99
CA TYR A 231 17.31 -6.82 -29.59
C TYR A 231 17.54 -7.32 -28.17
N PRO A 232 16.51 -7.91 -27.54
CA PRO A 232 16.72 -8.48 -26.20
C PRO A 232 17.73 -9.62 -26.22
N PRO A 233 18.39 -9.86 -25.08
CA PRO A 233 19.32 -10.99 -25.00
C PRO A 233 18.55 -12.31 -25.02
N THR A 234 19.25 -13.43 -24.98
CA THR A 234 18.64 -14.74 -25.07
C THR A 234 18.51 -15.42 -23.74
N VAL A 235 17.75 -16.49 -23.68
CA VAL A 235 17.60 -17.26 -22.47
C VAL A 235 18.91 -17.92 -22.11
N LYS A 236 19.67 -18.31 -23.11
CA LYS A 236 20.87 -19.05 -22.89
C LYS A 236 21.86 -18.23 -22.11
N ASP A 237 21.95 -16.95 -22.41
CA ASP A 237 22.96 -16.12 -21.81
C ASP A 237 22.55 -15.20 -20.67
N THR A 238 21.32 -15.31 -20.21
CA THR A 238 20.83 -14.54 -19.08
C THR A 238 20.38 -15.52 -18.07
N GLN A 239 19.93 -16.65 -18.54
CA GLN A 239 19.36 -17.69 -17.68
C GLN A 239 18.02 -17.29 -17.08
N VAL A 240 17.39 -16.25 -17.60
CA VAL A 240 16.04 -15.94 -17.13
C VAL A 240 15.07 -16.85 -17.87
N GLU A 241 14.08 -17.34 -17.13
CA GLU A 241 13.13 -18.29 -17.71
C GLU A 241 12.11 -17.59 -18.60
N MET A 242 11.91 -18.15 -19.78
CA MET A 242 10.88 -17.68 -20.69
C MET A 242 10.03 -18.86 -21.13
N ILE A 243 8.82 -18.58 -21.58
CA ILE A 243 7.94 -19.63 -22.07
C ILE A 243 8.06 -19.75 -23.58
N TYR A 244 8.67 -20.84 -24.02
CA TYR A 244 8.83 -21.14 -25.43
C TYR A 244 8.58 -22.63 -25.67
N PRO A 245 7.94 -22.96 -26.79
CA PRO A 245 7.86 -24.36 -27.22
C PRO A 245 9.24 -24.89 -27.56
N PRO A 246 9.49 -26.19 -27.38
CA PRO A 246 10.82 -26.78 -27.49
C PRO A 246 11.44 -26.70 -28.88
N HIS A 247 10.66 -26.39 -29.91
CA HIS A 247 11.17 -26.35 -31.27
C HIS A 247 11.79 -25.01 -31.64
N ILE A 248 11.77 -24.06 -30.71
CA ILE A 248 12.34 -22.74 -30.96
C ILE A 248 13.83 -22.72 -30.64
N PRO A 249 14.65 -22.42 -31.64
CA PRO A 249 16.11 -22.38 -31.45
C PRO A 249 16.51 -21.36 -30.39
N GLU A 250 17.50 -21.71 -29.57
CA GLU A 250 17.97 -20.82 -28.51
C GLU A 250 18.33 -19.45 -29.07
N ASN A 251 18.74 -19.33 -30.31
CA ASN A 251 19.10 -18.00 -30.74
C ASN A 251 17.89 -17.13 -30.90
N LEU A 252 16.71 -17.72 -30.81
CA LEU A 252 15.50 -16.97 -31.03
C LEU A 252 14.70 -16.83 -29.76
N GLN A 253 15.24 -17.35 -28.68
CA GLN A 253 14.58 -17.30 -27.38
C GLN A 253 14.95 -16.03 -26.63
N PHE A 254 14.32 -14.92 -27.00
CA PHE A 254 14.61 -13.62 -26.39
C PHE A 254 14.16 -13.56 -24.94
N ALA A 255 15.01 -13.02 -24.09
CA ALA A 255 14.72 -12.93 -22.66
C ALA A 255 14.29 -11.52 -22.25
N VAL A 256 13.06 -11.39 -21.78
CA VAL A 256 12.55 -10.10 -21.31
C VAL A 256 11.82 -10.23 -19.97
N GLY A 257 11.37 -9.10 -19.44
CA GLY A 257 10.71 -9.05 -18.15
C GLY A 257 9.56 -10.02 -17.99
N GLN A 258 8.67 -10.04 -18.98
CA GLN A 258 7.50 -10.91 -18.94
C GLN A 258 7.76 -12.23 -19.65
N GLU A 259 7.54 -13.35 -18.96
CA GLU A 259 7.90 -14.66 -19.47
C GLU A 259 7.06 -15.14 -20.66
N VAL A 260 6.01 -14.40 -21.01
CA VAL A 260 5.15 -14.83 -22.11
C VAL A 260 5.20 -13.91 -23.33
N PHE A 261 6.12 -12.96 -23.35
CA PHE A 261 6.16 -12.00 -24.46
C PHE A 261 6.75 -12.58 -25.74
N GLY A 262 7.31 -13.79 -25.64
CA GLY A 262 7.76 -14.51 -26.82
C GLY A 262 6.61 -15.13 -27.59
N LEU A 263 5.45 -15.23 -26.95
CA LEU A 263 4.25 -15.79 -27.56
C LEU A 263 3.82 -15.06 -28.82
N VAL A 264 3.96 -13.73 -28.81
CA VAL A 264 3.52 -12.91 -29.93
C VAL A 264 4.61 -11.93 -30.37
N PRO A 265 4.91 -11.90 -31.68
CA PRO A 265 5.88 -10.96 -32.24
C PRO A 265 5.50 -9.50 -31.98
N GLY A 266 4.21 -9.22 -31.95
CA GLY A 266 3.73 -7.88 -31.64
C GLY A 266 4.08 -7.47 -30.22
N LEU A 267 4.10 -8.44 -29.31
CA LEU A 267 4.52 -8.18 -27.93
C LEU A 267 6.02 -7.99 -27.86
N MET A 268 6.76 -8.83 -28.59
CA MET A 268 8.21 -8.75 -28.61
C MET A 268 8.67 -7.45 -29.26
N MET A 269 7.85 -6.91 -30.16
CA MET A 269 8.14 -5.62 -30.78
C MET A 269 8.23 -4.52 -29.74
N TYR A 270 7.19 -4.40 -28.91
CA TYR A 270 7.16 -3.39 -27.87
C TYR A 270 8.22 -3.65 -26.81
N ALA A 271 8.49 -4.91 -26.52
CA ALA A 271 9.52 -5.26 -25.55
C ALA A 271 10.88 -4.74 -25.99
N THR A 272 11.13 -4.79 -27.30
CA THR A 272 12.37 -4.28 -27.86
C THR A 272 12.40 -2.75 -27.80
N ILE A 273 11.32 -2.11 -28.21
CA ILE A 273 11.22 -0.65 -28.21
C ILE A 273 11.46 -0.08 -26.81
N TRP A 274 10.85 -0.70 -25.81
CA TRP A 274 11.01 -0.24 -24.43
C TRP A 274 12.41 -0.56 -23.89
N LEU A 275 12.96 -1.70 -24.29
CA LEU A 275 14.34 -2.02 -23.98
C LEU A 275 15.27 -0.93 -24.51
N ARG A 276 15.09 -0.55 -25.77
CA ARG A 276 15.89 0.49 -26.38
C ARG A 276 15.71 1.83 -25.68
N GLU A 277 14.48 2.14 -25.31
CA GLU A 277 14.17 3.41 -24.66
C GLU A 277 14.89 3.51 -23.32
N HIS A 278 14.89 2.42 -22.57
CA HIS A 278 15.57 2.39 -21.29
C HIS A 278 17.04 2.73 -21.42
N ASN A 279 17.71 2.10 -22.38
CA ASN A 279 19.13 2.32 -22.59
C ASN A 279 19.40 3.71 -23.18
N ARG A 280 18.42 4.25 -23.90
CA ARG A 280 18.52 5.60 -24.43
C ARG A 280 18.53 6.60 -23.29
N VAL A 281 17.65 6.42 -22.32
CA VAL A 281 17.54 7.32 -21.19
C VAL A 281 18.78 7.21 -20.30
N CYS A 282 19.32 6.00 -20.16
CA CYS A 282 20.56 5.82 -19.40
C CYS A 282 21.69 6.66 -19.99
N ASP A 283 21.75 6.73 -21.32
CA ASP A 283 22.73 7.58 -21.99
C ASP A 283 22.51 9.06 -21.67
N ILE A 284 21.26 9.49 -21.72
CA ILE A 284 20.92 10.87 -21.44
C ILE A 284 21.27 11.24 -20.00
N LEU A 285 20.89 10.37 -19.06
CA LEU A 285 21.17 10.61 -17.64
C LEU A 285 22.67 10.64 -17.36
N LYS A 286 23.42 9.74 -18.01
CA LYS A 286 24.87 9.68 -17.80
C LYS A 286 25.56 10.96 -18.28
N GLN A 287 25.03 11.55 -19.34
CA GLN A 287 25.54 12.81 -19.86
C GLN A 287 25.32 13.93 -18.84
N GLU A 288 24.17 13.90 -18.17
CA GLU A 288 23.83 14.88 -17.15
C GLU A 288 24.55 14.62 -15.84
N HIS A 289 24.80 13.35 -15.55
CA HIS A 289 25.44 12.95 -14.31
C HIS A 289 26.57 11.96 -14.55
N PRO A 290 27.75 12.47 -14.93
CA PRO A 290 28.92 11.58 -15.07
C PRO A 290 29.39 11.03 -13.72
N GLU A 291 28.86 11.57 -12.64
CA GLU A 291 29.25 11.15 -11.30
C GLU A 291 28.34 10.05 -10.74
N TRP A 292 27.34 9.65 -11.51
CA TRP A 292 26.42 8.60 -11.08
C TRP A 292 26.96 7.21 -11.40
N GLY A 293 26.71 6.28 -10.49
CA GLY A 293 27.09 4.89 -10.69
C GLY A 293 26.02 4.15 -11.46
N ASP A 294 26.25 2.86 -11.71
CA ASP A 294 25.33 2.05 -12.49
C ASP A 294 23.94 1.93 -11.86
N GLU A 295 23.90 1.79 -10.53
CA GLU A 295 22.63 1.53 -9.84
C GLU A 295 21.66 2.70 -9.92
N GLN A 296 22.15 3.91 -9.70
CA GLN A 296 21.30 5.09 -9.74
C GLN A 296 20.86 5.38 -11.16
N LEU A 297 21.74 5.09 -12.12
CA LEU A 297 21.40 5.25 -13.53
C LEU A 297 20.26 4.31 -13.93
N PHE A 298 20.34 3.05 -13.50
CA PHE A 298 19.28 2.10 -13.76
C PHE A 298 17.96 2.52 -13.11
N GLN A 299 18.00 2.79 -11.80
CA GLN A 299 16.79 3.10 -11.05
C GLN A 299 16.08 4.35 -11.57
N THR A 300 16.86 5.40 -11.83
CA THR A 300 16.29 6.68 -12.27
C THR A 300 15.66 6.53 -13.64
N SER A 301 16.26 5.70 -14.49
CA SER A 301 15.72 5.42 -15.81
C SER A 301 14.37 4.70 -15.69
N ARG A 302 14.25 3.85 -14.69
CA ARG A 302 13.02 3.09 -14.49
C ARG A 302 11.86 4.02 -14.08
N LEU A 303 12.13 4.95 -13.18
CA LEU A 303 11.12 5.92 -12.76
C LEU A 303 10.66 6.77 -13.94
N ILE A 304 11.60 7.12 -14.81
CA ILE A 304 11.30 7.92 -15.99
C ILE A 304 10.44 7.15 -16.99
N LEU A 305 10.75 5.88 -17.19
CA LEU A 305 9.98 5.06 -18.13
C LEU A 305 8.60 4.74 -17.58
N ILE A 306 8.49 4.69 -16.25
CA ILE A 306 7.18 4.58 -15.61
C ILE A 306 6.37 5.83 -15.90
N GLY A 307 7.02 6.98 -15.78
CA GLY A 307 6.40 8.25 -16.12
C GLY A 307 6.02 8.32 -17.58
N GLU A 308 6.92 7.89 -18.46
CA GLU A 308 6.66 7.85 -19.89
C GLU A 308 5.43 7.03 -20.23
N THR A 309 5.32 5.85 -19.59
CA THR A 309 4.21 4.94 -19.84
C THR A 309 2.88 5.60 -19.49
N ILE A 310 2.77 6.11 -18.27
CA ILE A 310 1.53 6.74 -17.81
C ILE A 310 1.16 7.94 -18.68
N LYS A 311 2.15 8.71 -19.09
CA LYS A 311 1.96 9.84 -20.00
C LYS A 311 1.34 9.40 -21.32
N ILE A 312 1.91 8.35 -21.92
CA ILE A 312 1.45 7.85 -23.21
C ILE A 312 0.07 7.21 -23.10
N VAL A 313 -0.16 6.46 -22.02
CA VAL A 313 -1.45 5.83 -21.79
C VAL A 313 -2.56 6.87 -21.77
N ILE A 314 -2.34 7.94 -21.02
CA ILE A 314 -3.37 8.97 -20.87
C ILE A 314 -3.54 9.81 -22.13
N GLU A 315 -2.47 10.41 -22.59
CA GLU A 315 -2.54 11.41 -23.61
C GLU A 315 -2.57 10.88 -25.03
N ASP A 316 -2.21 9.63 -25.22
CA ASP A 316 -2.31 9.01 -26.51
C ASP A 316 -3.30 7.87 -26.55
N TYR A 317 -3.12 6.90 -25.68
CA TYR A 317 -3.87 5.68 -25.67
C TYR A 317 -5.30 5.84 -25.26
N VAL A 318 -5.52 6.33 -24.07
CA VAL A 318 -6.87 6.64 -23.61
C VAL A 318 -7.49 7.74 -24.46
N GLN A 319 -6.66 8.70 -24.86
CA GLN A 319 -7.10 9.81 -25.70
C GLN A 319 -7.80 9.32 -26.97
N HIS A 320 -7.13 8.42 -27.69
CA HIS A 320 -7.68 7.83 -28.89
C HIS A 320 -8.90 6.96 -28.60
N LEU A 321 -8.79 6.14 -27.57
CA LEU A 321 -9.82 5.17 -27.23
C LEU A 321 -11.13 5.84 -26.81
N SER A 322 -11.03 6.90 -26.01
CA SER A 322 -12.20 7.60 -25.52
C SER A 322 -13.00 8.23 -26.65
N GLY A 323 -12.29 8.78 -27.63
CA GLY A 323 -12.93 9.47 -28.75
C GLY A 323 -13.25 10.90 -28.37
N TYR A 324 -12.68 11.37 -27.26
CA TYR A 324 -12.95 12.70 -26.77
C TYR A 324 -12.31 13.76 -27.65
N HIS A 325 -12.99 14.89 -27.79
CA HIS A 325 -12.40 16.05 -28.46
C HIS A 325 -11.58 16.83 -27.47
N PHE A 326 -11.93 16.70 -26.18
CA PHE A 326 -11.16 17.29 -25.11
C PHE A 326 -9.79 16.62 -25.00
N LYS A 327 -8.75 17.44 -24.88
CA LYS A 327 -7.39 16.95 -24.77
C LYS A 327 -7.08 16.50 -23.35
N LEU A 328 -7.02 15.19 -23.14
CA LEU A 328 -6.66 14.64 -21.84
C LEU A 328 -5.25 15.08 -21.47
N LYS A 329 -5.00 15.18 -20.18
CA LYS A 329 -3.71 15.69 -19.71
C LYS A 329 -3.17 14.86 -18.55
N PHE A 330 -1.90 14.48 -18.64
CA PHE A 330 -1.23 13.80 -17.54
C PHE A 330 -0.58 14.83 -16.64
N ASP A 331 -1.25 15.14 -15.52
CA ASP A 331 -0.78 16.17 -14.61
C ASP A 331 -1.09 15.80 -13.17
N PRO A 332 -0.14 15.15 -12.49
CA PRO A 332 -0.27 14.75 -11.09
C PRO A 332 -0.64 15.91 -10.16
N GLU A 333 -0.21 17.12 -10.53
CA GLU A 333 -0.44 18.31 -9.73
C GLU A 333 -1.92 18.59 -9.52
N LEU A 334 -2.75 18.11 -10.45
CA LEU A 334 -4.20 18.33 -10.39
C LEU A 334 -4.86 17.69 -9.17
N LEU A 335 -4.19 16.70 -8.59
CA LEU A 335 -4.77 15.95 -7.47
C LEU A 335 -4.17 16.35 -6.11
N PHE A 336 -3.28 17.33 -6.12
CA PHE A 336 -2.58 17.72 -4.90
C PHE A 336 -3.48 18.41 -3.89
N ASN A 337 -4.60 18.96 -4.32
CA ASN A 337 -5.49 19.57 -3.36
C ASN A 337 -6.79 18.80 -3.26
N GLN A 338 -6.76 17.58 -3.74
CA GLN A 338 -7.91 16.70 -3.73
C GLN A 338 -7.67 15.50 -2.82
N GLN A 339 -8.76 14.96 -2.28
CA GLN A 339 -8.68 13.71 -1.51
C GLN A 339 -8.45 12.54 -2.45
N PHE A 340 -7.26 11.97 -2.39
CA PHE A 340 -6.90 10.87 -3.28
C PHE A 340 -5.93 9.92 -2.58
N GLN A 341 -6.12 8.62 -2.80
CA GLN A 341 -5.24 7.62 -2.22
C GLN A 341 -4.24 7.14 -3.25
N TYR A 342 -2.95 7.37 -2.98
CA TYR A 342 -1.90 6.93 -3.89
C TYR A 342 -1.56 5.47 -3.61
N GLN A 343 -2.48 4.60 -4.01
CA GLN A 343 -2.33 3.17 -3.88
C GLN A 343 -3.37 2.52 -4.79
N ASN A 344 -3.11 1.27 -5.16
CA ASN A 344 -4.02 0.56 -6.04
C ASN A 344 -3.93 -0.94 -5.85
N ARG A 345 -5.05 -1.62 -6.03
CA ARG A 345 -5.11 -3.07 -6.02
C ARG A 345 -5.87 -3.49 -7.28
N ILE A 346 -5.23 -4.30 -8.12
CA ILE A 346 -5.84 -4.68 -9.39
C ILE A 346 -7.10 -5.50 -9.18
N ALA A 347 -8.18 -5.06 -9.82
CA ALA A 347 -9.47 -5.72 -9.67
C ALA A 347 -9.66 -6.83 -10.71
N SER A 348 -10.18 -7.96 -10.25
CA SER A 348 -10.47 -9.11 -11.10
C SER A 348 -11.38 -8.70 -12.27
N GLU A 349 -12.32 -7.81 -12.01
CA GLU A 349 -13.24 -7.33 -13.04
C GLU A 349 -12.53 -6.48 -14.10
N PHE A 350 -11.48 -5.77 -13.69
CA PHE A 350 -10.71 -4.97 -14.64
C PHE A 350 -10.02 -5.88 -15.65
N ASN A 351 -9.52 -7.01 -15.16
CA ASN A 351 -8.94 -8.03 -16.03
C ASN A 351 -9.98 -8.57 -17.00
N THR A 352 -11.17 -8.85 -16.50
CA THR A 352 -12.25 -9.38 -17.32
C THR A 352 -12.70 -8.37 -18.37
N LEU A 353 -12.77 -7.10 -17.99
CA LEU A 353 -13.13 -6.03 -18.91
C LEU A 353 -12.13 -5.90 -20.06
N TYR A 354 -10.88 -6.29 -19.79
CA TYR A 354 -9.82 -6.09 -20.78
C TYR A 354 -9.62 -7.29 -21.69
N HIS A 355 -10.54 -8.24 -21.65
CA HIS A 355 -10.49 -9.39 -22.55
C HIS A 355 -11.01 -9.00 -23.93
N TRP A 356 -10.31 -8.06 -24.56
CA TRP A 356 -10.73 -7.52 -25.85
C TRP A 356 -10.39 -8.46 -27.00
N HIS A 357 -10.95 -9.66 -26.98
CA HIS A 357 -10.73 -10.63 -28.05
C HIS A 357 -11.18 -10.15 -29.44
N PRO A 358 -12.31 -9.42 -29.55
CA PRO A 358 -12.66 -8.95 -30.89
C PRO A 358 -11.68 -7.94 -31.50
N LEU A 359 -10.75 -7.41 -30.71
CA LEU A 359 -9.72 -6.51 -31.25
C LEU A 359 -8.88 -7.23 -32.29
N LEU A 360 -8.63 -8.51 -32.05
CA LEU A 360 -7.76 -9.33 -32.89
C LEU A 360 -8.28 -9.45 -34.32
N PRO A 361 -7.39 -9.28 -35.30
CA PRO A 361 -7.71 -9.43 -36.72
C PRO A 361 -7.74 -10.89 -37.13
N ASP A 362 -8.15 -11.16 -38.36
CA ASP A 362 -8.17 -12.54 -38.86
C ASP A 362 -6.77 -12.98 -39.26
N THR A 363 -6.01 -12.04 -39.83
CA THR A 363 -4.61 -12.28 -40.18
C THR A 363 -3.76 -11.10 -39.73
N PHE A 364 -2.49 -11.35 -39.48
CA PHE A 364 -1.58 -10.28 -39.09
C PHE A 364 -0.74 -9.86 -40.29
N ASN A 365 -1.06 -8.71 -40.85
CA ASN A 365 -0.45 -8.27 -42.08
C ASN A 365 0.81 -7.47 -41.94
N ILE A 366 1.92 -8.09 -42.28
CA ILE A 366 3.23 -7.44 -42.18
C ILE A 366 3.84 -7.23 -43.57
N GLU A 367 3.87 -5.98 -44.02
CA GLU A 367 4.43 -5.64 -45.32
C GLU A 367 3.53 -6.13 -46.45
N ASP A 368 3.81 -7.33 -46.96
CA ASP A 368 3.04 -7.90 -48.04
C ASP A 368 2.51 -9.29 -47.67
N GLN A 369 2.86 -9.74 -46.47
CA GLN A 369 2.44 -11.04 -45.99
C GLN A 369 1.17 -10.95 -45.21
N GLU A 370 0.51 -12.09 -45.05
CA GLU A 370 -0.68 -12.21 -44.23
C GLU A 370 -0.61 -13.45 -43.35
N TYR A 371 0.12 -13.34 -42.26
CA TYR A 371 0.35 -14.48 -41.38
C TYR A 371 -0.91 -14.91 -40.64
N SER A 372 -1.17 -16.21 -40.64
CA SER A 372 -2.25 -16.78 -39.83
C SER A 372 -1.81 -16.81 -38.37
N PHE A 373 -2.72 -17.20 -37.50
CA PHE A 373 -2.41 -17.28 -36.08
C PHE A 373 -1.33 -18.34 -35.80
N LYS A 374 -1.43 -19.48 -36.49
CA LYS A 374 -0.44 -20.54 -36.35
C LYS A 374 0.95 -20.08 -36.75
N GLN A 375 1.02 -19.31 -37.82
CA GLN A 375 2.29 -18.79 -38.32
C GLN A 375 2.83 -17.68 -37.41
N PHE A 376 1.93 -16.87 -36.87
CA PHE A 376 2.31 -15.72 -36.05
C PHE A 376 2.76 -16.15 -34.66
N LEU A 377 2.15 -17.20 -34.13
CA LEU A 377 2.45 -17.67 -32.77
C LEU A 377 3.90 -18.14 -32.60
N TYR A 378 4.55 -17.61 -31.56
CA TYR A 378 5.90 -18.02 -31.19
C TYR A 378 6.89 -17.98 -32.35
N ASN A 379 6.75 -16.98 -33.22
CA ASN A 379 7.60 -16.88 -34.40
C ASN A 379 8.33 -15.54 -34.42
N ASN A 380 9.39 -15.46 -33.62
CA ASN A 380 10.20 -14.25 -33.54
C ASN A 380 11.03 -14.01 -34.80
N SER A 381 11.17 -15.05 -35.63
CA SER A 381 11.92 -14.91 -36.87
C SER A 381 11.20 -13.96 -37.82
N ILE A 382 9.89 -13.85 -37.65
CA ILE A 382 9.10 -12.89 -38.42
C ILE A 382 9.55 -11.47 -38.09
N LEU A 383 9.85 -11.24 -36.82
CA LEU A 383 10.29 -9.93 -36.37
C LEU A 383 11.68 -9.58 -36.94
N LEU A 384 12.57 -10.56 -36.92
CA LEU A 384 13.92 -10.36 -37.43
C LEU A 384 13.94 -10.29 -38.95
N GLU A 385 12.90 -10.81 -39.57
CA GLU A 385 12.81 -10.81 -41.00
C GLU A 385 12.42 -9.48 -41.54
N HIS A 386 11.32 -8.95 -41.05
CA HIS A 386 10.86 -7.66 -41.49
C HIS A 386 11.53 -6.55 -40.74
N GLY A 387 11.64 -6.74 -39.44
CA GLY A 387 12.29 -5.75 -38.61
C GLY A 387 11.29 -4.97 -37.75
N LEU A 388 11.76 -3.88 -37.15
CA LEU A 388 10.93 -3.05 -36.30
C LEU A 388 10.24 -1.95 -37.09
N THR A 389 10.99 -1.35 -38.03
CA THR A 389 10.46 -0.29 -38.86
C THR A 389 9.26 -0.75 -39.68
N GLN A 390 9.41 -1.90 -40.32
CA GLN A 390 8.31 -2.46 -41.11
C GLN A 390 7.17 -2.93 -40.22
N PHE A 391 7.50 -3.35 -39.00
CA PHE A 391 6.48 -3.74 -38.03
C PHE A 391 5.60 -2.56 -37.63
N VAL A 392 6.25 -1.45 -37.27
CA VAL A 392 5.54 -0.24 -36.87
C VAL A 392 4.68 0.28 -38.02
N GLU A 393 5.27 0.33 -39.22
CA GLU A 393 4.54 0.83 -40.39
C GLU A 393 3.35 -0.05 -40.73
N SER A 394 3.54 -1.36 -40.68
CA SER A 394 2.48 -2.30 -41.03
C SER A 394 1.35 -2.30 -40.00
N PHE A 395 1.72 -2.28 -38.73
CA PHE A 395 0.72 -2.32 -37.66
C PHE A 395 -0.02 -0.99 -37.55
N THR A 396 0.60 0.08 -38.02
CA THR A 396 -0.05 1.39 -38.03
C THR A 396 -1.16 1.41 -39.08
N ARG A 397 -0.97 0.64 -40.15
CA ARG A 397 -1.91 0.63 -41.26
C ARG A 397 -3.06 -0.37 -41.10
N GLN A 398 -2.83 -1.46 -40.36
CA GLN A 398 -3.83 -2.51 -40.24
C GLN A 398 -4.85 -2.19 -39.16
N ILE A 399 -6.13 -2.23 -39.52
CA ILE A 399 -7.19 -1.85 -38.60
C ILE A 399 -7.58 -3.01 -37.69
N ALA A 400 -8.01 -2.67 -36.48
CA ALA A 400 -8.43 -3.67 -35.50
C ALA A 400 -9.94 -3.87 -35.53
N GLY A 401 -10.42 -4.87 -34.81
CA GLY A 401 -11.83 -5.21 -34.83
C GLY A 401 -12.64 -4.48 -33.77
N ARG A 402 -13.93 -4.32 -34.03
CA ARG A 402 -14.84 -3.70 -33.08
C ARG A 402 -15.14 -4.66 -31.93
N VAL A 403 -14.99 -4.17 -30.69
CA VAL A 403 -15.14 -5.01 -29.51
C VAL A 403 -16.61 -5.21 -29.16
N ALA A 404 -17.34 -4.11 -29.03
CA ALA A 404 -18.78 -4.19 -28.82
C ALA A 404 -19.49 -4.41 -30.15
N GLY A 405 -20.77 -4.75 -30.10
CA GLY A 405 -21.55 -4.92 -31.32
C GLY A 405 -21.89 -6.36 -31.62
N GLY A 406 -21.25 -7.28 -30.90
CA GLY A 406 -21.55 -8.70 -31.04
C GLY A 406 -20.87 -9.37 -32.22
N ARG A 407 -20.67 -10.68 -32.10
CA ARG A 407 -20.17 -11.52 -33.17
C ARG A 407 -18.92 -10.98 -33.87
N ASN A 408 -17.86 -10.83 -33.11
CA ASN A 408 -16.60 -10.41 -33.66
C ASN A 408 -15.40 -11.04 -33.02
N VAL A 409 -15.58 -12.12 -32.30
CA VAL A 409 -14.49 -12.86 -31.73
C VAL A 409 -13.97 -13.82 -32.76
N PRO A 410 -12.62 -13.63 -33.11
CA PRO A 410 -12.16 -14.58 -34.12
C PRO A 410 -12.10 -16.01 -33.63
N ILE A 411 -12.35 -16.94 -34.52
CA ILE A 411 -12.50 -18.35 -34.17
C ILE A 411 -11.19 -18.96 -33.67
N ALA A 412 -10.07 -18.43 -34.16
CA ALA A 412 -8.76 -18.91 -33.73
C ALA A 412 -8.58 -18.87 -32.22
N VAL A 413 -9.28 -17.96 -31.55
CA VAL A 413 -9.18 -17.81 -30.10
C VAL A 413 -10.51 -18.07 -29.38
N GLN A 414 -11.36 -18.91 -29.98
CA GLN A 414 -12.68 -19.17 -29.41
C GLN A 414 -12.58 -19.89 -28.07
N ALA A 415 -11.57 -20.74 -27.92
CA ALA A 415 -11.35 -21.47 -26.68
C ALA A 415 -11.03 -20.50 -25.56
N VAL A 416 -10.22 -19.50 -25.88
CA VAL A 416 -9.85 -18.46 -24.93
C VAL A 416 -11.08 -17.66 -24.52
N ALA A 417 -11.92 -17.34 -25.51
CA ALA A 417 -13.12 -16.56 -25.26
C ALA A 417 -14.13 -17.33 -24.42
N LYS A 418 -14.15 -18.65 -24.58
CA LYS A 418 -15.01 -19.50 -23.77
C LYS A 418 -14.50 -19.54 -22.33
N ALA A 419 -13.18 -19.52 -22.18
CA ALA A 419 -12.54 -19.54 -20.86
C ALA A 419 -12.91 -18.29 -20.06
N SER A 420 -12.98 -17.15 -20.75
CA SER A 420 -13.35 -15.89 -20.10
C SER A 420 -14.73 -15.98 -19.48
N ILE A 421 -15.65 -16.64 -20.19
CA ILE A 421 -16.99 -16.87 -19.66
C ILE A 421 -16.94 -17.81 -18.47
N ASP A 422 -16.35 -18.98 -18.68
CA ASP A 422 -16.31 -20.05 -17.68
C ASP A 422 -15.62 -19.63 -16.38
N GLN A 423 -14.55 -18.85 -16.51
CA GLN A 423 -13.79 -18.43 -15.33
C GLN A 423 -14.51 -17.33 -14.56
N SER A 424 -15.33 -16.54 -15.26
CA SER A 424 -16.16 -15.55 -14.61
C SER A 424 -17.20 -16.25 -13.74
N ARG A 425 -17.69 -17.39 -14.22
CA ARG A 425 -18.63 -18.21 -13.47
C ARG A 425 -17.92 -18.92 -12.34
N GLU A 426 -16.69 -19.34 -12.60
CA GLU A 426 -15.87 -20.02 -11.60
C GLU A 426 -15.57 -19.08 -10.43
N MET A 427 -15.33 -17.81 -10.74
CA MET A 427 -15.04 -16.82 -9.71
C MET A 427 -16.32 -16.23 -9.12
N LYS A 428 -17.46 -16.78 -9.52
CA LYS A 428 -18.76 -16.39 -8.98
C LYS A 428 -19.04 -14.91 -9.12
N TYR A 429 -18.93 -14.38 -10.35
CA TYR A 429 -19.28 -13.00 -10.62
C TYR A 429 -20.77 -12.77 -10.46
N GLN A 430 -21.14 -11.57 -9.97
CA GLN A 430 -22.53 -11.18 -9.97
C GLN A 430 -22.94 -10.83 -11.38
N SER A 431 -24.23 -10.60 -11.59
CA SER A 431 -24.77 -10.35 -12.93
C SER A 431 -24.33 -9.01 -13.51
N LEU A 432 -24.59 -8.83 -14.79
CA LEU A 432 -24.32 -7.58 -15.50
C LEU A 432 -25.00 -6.38 -14.83
N ASN A 433 -26.30 -6.50 -14.58
CA ASN A 433 -27.05 -5.39 -13.99
C ASN A 433 -26.55 -5.00 -12.60
N GLU A 434 -26.09 -6.00 -11.84
CA GLU A 434 -25.53 -5.73 -10.52
C GLU A 434 -24.28 -4.87 -10.63
N TYR A 435 -23.45 -5.15 -11.64
CA TYR A 435 -22.23 -4.37 -11.86
C TYR A 435 -22.56 -2.98 -12.41
N ARG A 436 -23.65 -2.87 -13.17
CA ARG A 436 -24.08 -1.57 -13.66
C ARG A 436 -24.50 -0.66 -12.50
N LYS A 437 -25.30 -1.21 -11.59
CA LYS A 437 -25.75 -0.47 -10.41
C LYS A 437 -24.58 -0.09 -9.51
N ARG A 438 -23.60 -0.99 -9.45
CA ARG A 438 -22.39 -0.77 -8.66
C ARG A 438 -21.59 0.43 -9.18
N PHE A 439 -21.76 0.75 -10.46
CA PHE A 439 -21.06 1.89 -11.05
C PHE A 439 -22.01 2.99 -11.51
N SER A 440 -23.10 3.16 -10.77
CA SER A 440 -24.04 4.26 -10.97
C SER A 440 -24.69 4.27 -12.35
N LEU A 441 -24.89 3.08 -12.91
CA LEU A 441 -25.58 2.95 -14.19
C LEU A 441 -26.98 2.39 -13.98
N LYS A 442 -27.83 2.55 -15.00
CA LYS A 442 -29.18 2.01 -14.95
C LYS A 442 -29.21 0.58 -15.48
N PRO A 443 -29.85 -0.32 -14.74
CA PRO A 443 -29.98 -1.72 -15.18
C PRO A 443 -30.74 -1.81 -16.49
N TYR A 444 -30.38 -2.78 -17.33
CA TYR A 444 -31.12 -3.00 -18.57
C TYR A 444 -32.44 -3.70 -18.26
N THR A 445 -33.49 -3.28 -18.96
CA THR A 445 -34.83 -3.83 -18.73
C THR A 445 -35.12 -4.97 -19.71
N SER A 446 -34.32 -5.04 -20.77
CA SER A 446 -34.47 -6.09 -21.77
C SER A 446 -33.17 -6.29 -22.53
N PHE A 447 -33.03 -7.44 -23.16
CA PHE A 447 -31.84 -7.73 -23.95
C PHE A 447 -31.78 -6.84 -25.19
N GLU A 448 -32.94 -6.39 -25.65
CA GLU A 448 -33.01 -5.48 -26.78
C GLU A 448 -32.39 -4.13 -26.42
N GLU A 449 -32.64 -3.67 -25.20
CA GLU A 449 -32.06 -2.42 -24.73
C GLU A 449 -30.54 -2.57 -24.61
N LEU A 450 -30.09 -3.79 -24.37
CA LEU A 450 -28.67 -4.09 -24.24
C LEU A 450 -27.96 -4.07 -25.59
N THR A 451 -28.49 -4.80 -26.56
CA THR A 451 -27.85 -4.96 -27.86
C THR A 451 -28.19 -3.84 -28.83
N GLY A 452 -29.38 -3.26 -28.69
CA GLY A 452 -29.82 -2.22 -29.59
C GLY A 452 -30.36 -2.78 -30.90
N GLU A 453 -30.51 -4.10 -30.94
CA GLU A 453 -31.09 -4.77 -32.10
C GLU A 453 -32.03 -5.89 -31.64
N LYS A 454 -32.42 -6.77 -32.56
CA LYS A 454 -33.42 -7.78 -32.24
C LYS A 454 -32.91 -9.21 -32.35
N GLU A 455 -32.08 -9.48 -33.36
CA GLU A 455 -31.66 -10.85 -33.65
C GLU A 455 -30.86 -11.49 -32.52
N MET A 456 -29.81 -10.81 -32.06
CA MET A 456 -29.01 -11.33 -30.96
C MET A 456 -29.77 -11.28 -29.64
N ALA A 457 -30.67 -10.31 -29.51
CA ALA A 457 -31.48 -10.18 -28.31
C ALA A 457 -32.39 -11.40 -28.12
N ALA A 458 -32.87 -11.95 -29.23
CA ALA A 458 -33.71 -13.13 -29.20
C ALA A 458 -32.90 -14.36 -28.81
N GLU A 459 -31.65 -14.42 -29.29
CA GLU A 459 -30.74 -15.51 -28.95
C GLU A 459 -30.49 -15.54 -27.45
N LEU A 460 -30.18 -14.38 -26.88
CA LEU A 460 -29.81 -14.27 -25.48
C LEU A 460 -30.99 -14.54 -24.54
N LYS A 461 -32.17 -14.04 -24.91
CA LYS A 461 -33.36 -14.24 -24.10
C LYS A 461 -33.72 -15.71 -24.07
N ALA A 462 -33.47 -16.42 -25.16
CA ALA A 462 -33.72 -17.85 -25.22
C ALA A 462 -32.74 -18.61 -24.34
N LEU A 463 -31.60 -17.99 -24.03
CA LEU A 463 -30.57 -18.63 -23.23
C LEU A 463 -30.61 -18.20 -21.76
N TYR A 464 -30.83 -16.94 -21.52
CA TYR A 464 -30.76 -16.43 -20.17
C TYR A 464 -32.13 -16.23 -19.58
N SER A 465 -33.10 -15.92 -20.43
CA SER A 465 -34.48 -15.77 -20.00
C SER A 465 -34.74 -14.44 -19.29
N ASP A 466 -33.93 -14.16 -18.27
CA ASP A 466 -34.11 -12.97 -17.47
C ASP A 466 -32.95 -12.03 -17.74
N ILE A 467 -33.21 -10.74 -17.73
CA ILE A 467 -32.18 -9.78 -18.05
C ILE A 467 -31.26 -9.64 -16.86
N ASP A 468 -31.79 -9.88 -15.69
CA ASP A 468 -31.04 -9.72 -14.45
C ASP A 468 -30.14 -10.93 -14.17
N VAL A 469 -30.05 -11.84 -15.14
CA VAL A 469 -29.20 -13.02 -15.02
C VAL A 469 -28.10 -12.96 -16.09
N MET A 470 -28.19 -11.98 -16.97
CA MET A 470 -27.18 -11.78 -18.01
C MET A 470 -25.81 -11.56 -17.38
N GLU A 471 -24.80 -12.23 -17.92
CA GLU A 471 -23.46 -12.16 -17.36
C GLU A 471 -22.72 -10.92 -17.84
N LEU A 472 -21.72 -10.49 -17.07
CA LEU A 472 -20.97 -9.26 -17.37
C LEU A 472 -20.15 -9.35 -18.65
N TYR A 473 -19.29 -10.36 -18.74
CA TYR A 473 -18.36 -10.46 -19.88
C TYR A 473 -19.03 -10.63 -21.25
N PRO A 474 -20.00 -11.57 -21.38
CA PRO A 474 -20.60 -11.71 -22.71
C PRO A 474 -21.36 -10.46 -23.13
N ALA A 475 -21.88 -9.74 -22.15
CA ALA A 475 -22.64 -8.52 -22.41
C ALA A 475 -21.74 -7.44 -23.02
N LEU A 476 -20.51 -7.35 -22.55
CA LEU A 476 -19.57 -6.35 -23.02
C LEU A 476 -19.29 -6.49 -24.52
N LEU A 477 -19.28 -7.73 -25.00
CA LEU A 477 -18.96 -8.00 -26.39
C LEU A 477 -20.18 -7.88 -27.31
N VAL A 478 -21.37 -7.86 -26.74
CA VAL A 478 -22.59 -7.74 -27.55
C VAL A 478 -23.37 -6.46 -27.26
N GLU A 479 -22.86 -5.65 -26.34
CA GLU A 479 -23.55 -4.42 -25.95
C GLU A 479 -23.65 -3.46 -27.11
N LYS A 480 -24.74 -2.69 -27.15
CA LYS A 480 -24.90 -1.64 -28.14
C LYS A 480 -23.77 -0.62 -28.03
N PRO A 481 -22.98 -0.49 -29.10
CA PRO A 481 -21.88 0.48 -29.12
C PRO A 481 -22.38 1.92 -29.09
N ARG A 482 -21.58 2.81 -28.52
CA ARG A 482 -21.82 4.24 -28.66
C ARG A 482 -21.73 4.60 -30.14
N PRO A 483 -22.33 5.73 -30.54
CA PRO A 483 -22.31 6.16 -31.95
C PRO A 483 -20.93 6.09 -32.60
N ASP A 484 -20.79 5.17 -33.55
CA ASP A 484 -19.53 4.95 -34.28
C ASP A 484 -18.35 4.70 -33.35
N ALA A 485 -18.60 4.06 -32.22
CA ALA A 485 -17.56 3.82 -31.23
C ALA A 485 -17.20 2.35 -31.13
N ILE A 486 -16.09 2.08 -30.44
CA ILE A 486 -15.60 0.71 -30.29
C ILE A 486 -16.23 0.02 -29.08
N PHE A 487 -16.70 0.82 -28.14
CA PHE A 487 -17.23 0.29 -26.88
C PHE A 487 -18.68 0.71 -26.61
N GLY A 488 -19.32 -0.01 -25.70
CA GLY A 488 -20.63 0.38 -25.20
C GLY A 488 -20.45 1.10 -23.87
N GLU A 489 -21.55 1.42 -23.22
CA GLU A 489 -21.53 2.17 -21.97
C GLU A 489 -20.83 1.44 -20.84
N THR A 490 -21.19 0.17 -20.64
CA THR A 490 -20.69 -0.61 -19.51
C THR A 490 -19.17 -0.73 -19.50
N MET A 491 -18.58 -0.94 -20.68
CA MET A 491 -17.13 -1.06 -20.79
C MET A 491 -16.41 0.18 -20.29
N VAL A 492 -16.77 1.33 -20.83
CA VAL A 492 -16.11 2.59 -20.49
C VAL A 492 -16.37 3.01 -19.05
N GLU A 493 -17.62 2.90 -18.61
CA GLU A 493 -18.00 3.36 -17.28
C GLU A 493 -17.41 2.49 -16.17
N LEU A 494 -17.19 1.21 -16.45
CA LEU A 494 -16.60 0.32 -15.46
C LEU A 494 -15.08 0.38 -15.49
N GLY A 495 -14.51 0.41 -16.70
CA GLY A 495 -13.07 0.32 -16.86
C GLY A 495 -12.30 1.57 -16.53
N ALA A 496 -12.82 2.72 -16.95
CA ALA A 496 -12.13 4.01 -16.76
C ALA A 496 -11.75 4.31 -15.30
N PRO A 497 -12.67 4.05 -14.33
CA PRO A 497 -12.22 4.27 -12.96
C PRO A 497 -11.12 3.30 -12.52
N PHE A 498 -11.18 2.04 -12.93
CA PHE A 498 -10.10 1.10 -12.65
C PHE A 498 -8.79 1.62 -13.20
N SER A 499 -8.84 2.13 -14.43
CA SER A 499 -7.66 2.59 -15.15
C SER A 499 -6.99 3.80 -14.49
N LEU A 500 -7.76 4.87 -14.33
CA LEU A 500 -7.24 6.12 -13.79
C LEU A 500 -6.71 5.95 -12.37
N LYS A 501 -7.34 5.04 -11.63
CA LYS A 501 -6.91 4.73 -10.27
C LYS A 501 -5.53 4.08 -10.29
N GLY A 502 -5.32 3.18 -11.24
CA GLY A 502 -4.04 2.50 -11.36
C GLY A 502 -2.95 3.39 -11.90
N LEU A 503 -3.34 4.36 -12.72
CA LEU A 503 -2.38 5.28 -13.32
C LEU A 503 -1.93 6.35 -12.32
N MET A 504 -2.89 7.15 -11.87
CA MET A 504 -2.59 8.25 -10.96
C MET A 504 -2.20 7.74 -9.58
N GLY A 505 -2.63 6.54 -9.24
CA GLY A 505 -2.34 5.94 -7.94
C GLY A 505 -0.88 5.55 -7.76
N ASN A 506 -0.13 5.53 -8.86
CA ASN A 506 1.30 5.25 -8.83
C ASN A 506 2.02 6.26 -7.94
N PRO A 507 2.94 5.78 -7.08
CA PRO A 507 3.68 6.62 -6.14
C PRO A 507 4.41 7.80 -6.79
N ILE A 508 4.81 7.70 -8.06
CA ILE A 508 5.53 8.82 -8.68
C ILE A 508 4.59 10.00 -8.92
N CYS A 509 3.29 9.76 -8.82
CA CYS A 509 2.31 10.83 -8.99
C CYS A 509 2.06 11.55 -7.67
N SER A 510 2.60 11.00 -6.59
CA SER A 510 2.45 11.62 -5.27
C SER A 510 3.39 12.83 -5.17
N PRO A 511 2.98 13.84 -4.39
CA PRO A 511 3.70 15.12 -4.27
C PRO A 511 5.19 15.00 -3.88
N GLN A 512 5.54 14.03 -3.05
CA GLN A 512 6.94 13.88 -2.66
C GLN A 512 7.78 13.25 -3.77
N TYR A 513 7.10 12.59 -4.70
CA TYR A 513 7.77 11.96 -5.83
C TYR A 513 7.75 12.85 -7.07
N TRP A 514 6.64 13.55 -7.29
CA TRP A 514 6.50 14.37 -8.49
C TRP A 514 7.36 15.63 -8.42
N LYS A 515 8.67 15.43 -8.43
CA LYS A 515 9.65 16.51 -8.43
C LYS A 515 10.70 16.25 -9.50
N PRO A 516 11.33 17.32 -10.02
CA PRO A 516 12.37 17.11 -11.03
C PRO A 516 13.54 16.28 -10.49
N SER A 517 13.92 16.49 -9.24
CA SER A 517 15.06 15.78 -8.64
C SER A 517 14.84 14.28 -8.54
N THR A 518 13.58 13.85 -8.52
CA THR A 518 13.24 12.44 -8.45
C THR A 518 13.71 11.72 -9.71
N PHE A 519 13.68 12.42 -10.84
CA PHE A 519 14.00 11.84 -12.13
C PHE A 519 15.33 12.36 -12.68
N GLY A 520 16.23 12.75 -11.78
CA GLY A 520 17.56 13.15 -12.16
C GLY A 520 17.71 14.60 -12.63
N GLY A 521 16.67 15.40 -12.43
CA GLY A 521 16.71 16.80 -12.81
C GLY A 521 15.72 17.14 -13.90
N GLU A 522 15.76 18.39 -14.36
CA GLU A 522 14.78 18.89 -15.32
C GLU A 522 14.84 18.18 -16.67
N VAL A 523 16.03 17.69 -17.03
CA VAL A 523 16.18 16.96 -18.28
C VAL A 523 15.41 15.64 -18.25
N GLY A 524 15.58 14.90 -17.16
CA GLY A 524 14.86 13.65 -16.98
C GLY A 524 13.37 13.88 -16.82
N PHE A 525 13.02 14.93 -16.09
CA PHE A 525 11.63 15.27 -15.84
C PHE A 525 10.89 15.57 -17.15
N LYS A 526 11.59 16.20 -18.08
CA LYS A 526 11.01 16.64 -19.34
C LYS A 526 10.75 15.46 -20.28
N ILE A 527 11.51 14.39 -20.11
CA ILE A 527 11.31 13.18 -20.91
C ILE A 527 9.91 12.63 -20.62
N ILE A 528 9.52 12.64 -19.36
CA ILE A 528 8.18 12.20 -18.98
C ILE A 528 7.11 13.11 -19.58
N ASN A 529 7.28 14.41 -19.40
CA ASN A 529 6.23 15.38 -19.72
C ASN A 529 6.09 15.67 -21.21
N THR A 530 7.02 15.20 -22.01
CA THR A 530 6.94 15.36 -23.45
C THR A 530 6.81 14.01 -24.15
N ALA A 531 6.68 12.95 -23.41
CA ALA A 531 6.59 11.64 -24.03
C ALA A 531 5.35 11.45 -24.85
N SER A 532 5.44 10.59 -25.85
CA SER A 532 4.30 10.17 -26.60
C SER A 532 4.62 8.93 -27.35
N ILE A 533 3.61 8.33 -27.94
CA ILE A 533 3.82 7.10 -28.67
C ILE A 533 4.66 7.32 -29.91
N GLN A 534 4.56 8.47 -30.52
CA GLN A 534 5.33 8.76 -31.70
C GLN A 534 6.78 9.00 -31.38
N SER A 535 7.06 9.74 -30.33
CA SER A 535 8.43 10.02 -29.93
C SER A 535 9.12 8.75 -29.43
N LEU A 536 8.35 7.88 -28.78
CA LEU A 536 8.87 6.60 -28.32
C LEU A 536 9.38 5.78 -29.49
N ILE A 537 8.58 5.72 -30.55
CA ILE A 537 8.95 5.00 -31.76
C ILE A 537 10.06 5.72 -32.51
N CYS A 538 9.94 7.04 -32.62
CA CYS A 538 10.90 7.85 -33.38
C CYS A 538 12.33 7.70 -32.86
N ASN A 539 12.47 7.69 -31.54
CA ASN A 539 13.79 7.64 -30.92
C ASN A 539 14.41 6.24 -30.90
N ASN A 540 13.59 5.22 -31.15
CA ASN A 540 14.04 3.85 -30.93
C ASN A 540 13.81 2.92 -32.13
N VAL A 541 13.04 3.37 -33.11
CA VAL A 541 12.83 2.60 -34.32
C VAL A 541 13.54 3.28 -35.49
N LYS A 542 14.37 2.52 -36.19
CA LYS A 542 15.20 3.05 -37.27
C LYS A 542 14.38 3.69 -38.37
N GLY A 543 14.75 4.91 -38.75
CA GLY A 543 14.05 5.64 -39.80
C GLY A 543 12.98 6.57 -39.27
N CYS A 544 12.63 6.40 -37.99
CA CYS A 544 11.57 7.19 -37.36
C CYS A 544 10.30 7.18 -38.19
N PRO A 545 9.63 6.02 -38.30
CA PRO A 545 8.38 5.98 -39.06
C PRO A 545 7.27 6.72 -38.33
N PHE A 546 6.23 7.10 -39.06
CA PHE A 546 5.10 7.80 -38.46
C PHE A 546 4.09 6.81 -37.92
N THR A 547 3.84 6.89 -36.62
CA THR A 547 2.95 5.94 -35.99
C THR A 547 1.82 6.63 -35.22
N SER A 548 0.77 5.87 -34.96
CA SER A 548 -0.41 6.39 -34.29
C SER A 548 -1.24 5.21 -33.79
N PHE A 549 -2.20 5.48 -32.93
CA PHE A 549 -3.08 4.42 -32.43
C PHE A 549 -4.29 4.23 -33.33
N ASN A 550 -4.29 4.90 -34.48
CA ASN A 550 -5.35 4.69 -35.46
C ASN A 550 -4.86 4.84 -36.90
N VAL A 551 -5.65 4.32 -37.83
CA VAL A 551 -5.32 4.38 -39.24
C VAL A 551 -5.79 5.71 -39.84
N GLN A 552 -5.27 6.05 -41.01
CA GLN A 552 -5.63 7.30 -41.67
C GLN A 552 -7.01 7.22 -42.31
N ALA B 1 33.46 12.95 -1.14
CA ALA B 1 33.47 13.14 -2.58
C ALA B 1 32.11 13.65 -3.07
N ASN B 2 31.04 12.99 -2.64
CA ASN B 2 29.69 13.41 -2.97
C ASN B 2 29.40 14.81 -2.43
N PRO B 3 29.09 15.75 -3.34
CA PRO B 3 28.83 17.16 -2.98
C PRO B 3 27.64 17.32 -2.03
N CYS B 4 26.81 16.30 -1.90
CA CYS B 4 25.65 16.37 -1.03
C CYS B 4 25.95 15.88 0.39
N CYS B 5 27.21 15.54 0.65
CA CYS B 5 27.61 14.98 1.95
C CYS B 5 27.41 15.94 3.12
N SER B 6 27.42 17.24 2.85
CA SER B 6 27.27 18.24 3.92
C SER B 6 25.80 18.52 4.24
N ASN B 7 24.89 17.87 3.53
CA ASN B 7 23.46 18.13 3.63
C ASN B 7 23.12 19.61 3.50
N PRO B 8 23.41 20.21 2.34
CA PRO B 8 23.25 21.66 2.18
C PRO B 8 21.78 22.10 2.09
N CYS B 9 20.93 21.23 1.54
CA CYS B 9 19.54 21.58 1.32
C CYS B 9 18.75 21.58 2.62
N GLN B 10 18.22 22.75 2.97
CA GLN B 10 17.47 22.91 4.20
C GLN B 10 15.97 22.80 3.94
N ASN B 11 15.19 22.80 5.02
CA ASN B 11 13.74 22.84 4.93
C ASN B 11 13.15 21.75 4.04
N ARG B 12 13.71 20.55 4.16
CA ARG B 12 13.25 19.36 3.44
C ARG B 12 13.41 19.47 1.92
N GLY B 13 14.35 20.32 1.47
CA GLY B 13 14.69 20.37 0.07
C GLY B 13 15.53 19.16 -0.29
N GLU B 14 15.48 18.74 -1.55
CA GLU B 14 16.20 17.53 -1.96
C GLU B 14 17.49 17.85 -2.69
N CYS B 15 18.59 17.24 -2.23
CA CYS B 15 19.89 17.46 -2.84
C CYS B 15 20.16 16.47 -3.96
N MET B 16 20.74 16.97 -5.05
CA MET B 16 21.10 16.13 -6.18
C MET B 16 22.43 16.58 -6.77
N SER B 17 23.31 15.62 -7.04
CA SER B 17 24.60 15.94 -7.64
C SER B 17 24.44 16.27 -9.11
N THR B 18 24.98 17.41 -9.51
CA THR B 18 24.90 17.85 -10.92
C THR B 18 26.26 17.71 -11.59
N GLY B 19 27.24 17.27 -10.82
CA GLY B 19 28.58 17.05 -11.33
C GLY B 19 29.41 16.37 -10.27
N PHE B 20 30.73 16.39 -10.42
CA PHE B 20 31.61 15.74 -9.45
C PHE B 20 31.82 16.59 -8.20
N ASP B 21 31.64 17.90 -8.34
CA ASP B 21 31.80 18.80 -7.20
C ASP B 21 30.68 19.84 -7.14
N GLN B 22 29.56 19.53 -7.79
CA GLN B 22 28.44 20.47 -7.84
C GLN B 22 27.14 19.80 -7.45
N TYR B 23 26.24 20.56 -6.82
CA TYR B 23 24.96 20.05 -6.41
C TYR B 23 23.84 21.03 -6.73
N LYS B 24 22.61 20.54 -6.68
CA LYS B 24 21.44 21.39 -6.84
C LYS B 24 20.38 21.00 -5.81
N CYS B 25 19.71 22.00 -5.26
CA CYS B 25 18.63 21.75 -4.30
C CYS B 25 17.27 21.90 -4.97
N ASP B 26 16.40 20.93 -4.73
CA ASP B 26 15.03 20.98 -5.21
C ASP B 26 14.12 21.49 -4.10
N CYS B 27 13.67 22.73 -4.23
CA CYS B 27 12.88 23.35 -3.17
C CYS B 27 11.39 23.24 -3.44
N THR B 28 11.04 22.34 -4.36
CA THR B 28 9.65 22.15 -4.78
C THR B 28 8.71 21.89 -3.60
N ARG B 29 7.73 22.78 -3.45
CA ARG B 29 6.70 22.68 -2.41
C ARG B 29 7.28 22.68 -1.00
N THR B 30 8.38 23.38 -0.79
CA THR B 30 9.00 23.47 0.52
C THR B 30 8.64 24.78 1.21
N GLY B 31 8.11 25.72 0.44
CA GLY B 31 7.79 27.03 0.95
C GLY B 31 9.00 27.94 0.96
N PHE B 32 10.11 27.41 0.48
CA PHE B 32 11.36 28.15 0.41
C PHE B 32 11.93 28.09 -0.99
N TYR B 33 12.90 28.96 -1.26
CA TYR B 33 13.62 28.92 -2.54
C TYR B 33 15.06 29.35 -2.32
N GLY B 34 15.82 29.38 -3.40
CA GLY B 34 17.22 29.71 -3.32
C GLY B 34 18.10 28.49 -3.39
N GLU B 35 19.40 28.68 -3.37
CA GLU B 35 20.33 27.61 -3.60
C GLU B 35 20.23 26.51 -2.56
N ASN B 36 19.81 26.88 -1.38
CA ASN B 36 19.79 25.94 -0.28
C ASN B 36 18.40 25.83 0.31
N CYS B 37 17.40 26.34 -0.40
CA CYS B 37 16.02 26.36 0.08
C CYS B 37 15.94 27.03 1.45
N THR B 38 16.62 28.16 1.59
CA THR B 38 16.67 28.87 2.86
C THR B 38 15.88 30.17 2.83
N THR B 39 15.69 30.71 1.64
CA THR B 39 14.94 31.96 1.47
C THR B 39 13.45 31.68 1.48
N PRO B 40 12.74 32.20 2.49
CA PRO B 40 11.30 31.95 2.64
C PRO B 40 10.43 32.77 1.70
N GLU B 41 9.36 32.17 1.22
CA GLU B 41 8.36 32.90 0.45
C GLU B 41 7.52 33.73 1.41
N PHE B 42 6.72 34.64 0.88
CA PHE B 42 5.96 35.58 1.70
C PHE B 42 5.04 34.88 2.71
N LEU B 43 4.21 33.96 2.23
CA LEU B 43 3.27 33.27 3.10
C LEU B 43 3.99 32.36 4.09
N THR B 44 5.19 31.91 3.71
CA THR B 44 6.00 31.07 4.58
C THR B 44 6.48 31.86 5.79
N ARG B 45 6.97 33.07 5.53
CA ARG B 45 7.47 33.94 6.60
C ARG B 45 6.38 34.27 7.60
N ILE B 46 5.15 34.38 7.12
CA ILE B 46 4.00 34.64 7.97
C ILE B 46 3.73 33.48 8.93
N LYS B 47 3.63 32.28 8.37
CA LYS B 47 3.35 31.08 9.17
C LYS B 47 4.44 30.79 10.18
N LEU B 48 5.66 31.22 9.87
CA LEU B 48 6.80 30.99 10.76
C LEU B 48 6.66 31.74 12.08
N LEU B 49 5.91 32.84 12.07
CA LEU B 49 5.72 33.65 13.27
C LEU B 49 4.49 33.20 14.06
N LEU B 50 3.45 32.79 13.35
CA LEU B 50 2.20 32.38 13.98
C LEU B 50 2.31 31.01 14.63
N LYS B 51 3.24 30.19 14.12
CA LYS B 51 3.41 28.83 14.63
C LYS B 51 4.30 28.81 15.86
N PRO B 52 3.74 28.40 17.00
CA PRO B 52 4.47 28.34 18.28
C PRO B 52 5.41 27.14 18.35
N THR B 53 6.32 27.17 19.31
CA THR B 53 7.28 26.08 19.51
C THR B 53 6.60 24.85 20.11
N PRO B 54 7.15 23.66 19.87
CA PRO B 54 6.63 22.43 20.45
C PRO B 54 6.58 22.46 21.98
N ASN B 55 7.52 23.16 22.60
CA ASN B 55 7.52 23.29 24.05
C ASN B 55 6.36 24.14 24.54
N THR B 56 6.00 25.15 23.76
CA THR B 56 4.89 26.01 24.10
C THR B 56 3.57 25.25 23.99
N VAL B 57 3.43 24.48 22.92
CA VAL B 57 2.23 23.67 22.71
C VAL B 57 2.13 22.57 23.76
N HIS B 58 3.27 21.97 24.10
CA HIS B 58 3.31 20.96 25.15
C HIS B 58 2.90 21.53 26.49
N TYR B 59 3.33 22.75 26.76
CA TYR B 59 3.01 23.42 28.03
C TYR B 59 1.51 23.60 28.18
N ILE B 60 0.88 24.13 27.13
CA ILE B 60 -0.55 24.38 27.11
C ILE B 60 -1.35 23.10 27.34
N LEU B 61 -0.91 22.01 26.71
CA LEU B 61 -1.60 20.73 26.82
C LEU B 61 -1.40 20.08 28.19
N THR B 62 -0.35 20.48 28.89
CA THR B 62 -0.05 19.91 30.21
C THR B 62 -0.38 20.86 31.35
N HIS B 63 -1.06 21.96 31.04
CA HIS B 63 -1.49 22.90 32.05
C HIS B 63 -2.95 23.31 31.86
N PHE B 64 -3.44 24.18 32.73
CA PHE B 64 -4.83 24.65 32.68
C PHE B 64 -5.80 23.48 32.73
N LYS B 65 -5.64 22.62 33.73
CA LYS B 65 -6.42 21.40 33.87
C LYS B 65 -7.93 21.66 33.86
N GLY B 66 -8.35 22.72 34.55
CA GLY B 66 -9.75 23.06 34.64
C GLY B 66 -10.34 23.47 33.31
N VAL B 67 -9.52 24.10 32.47
CA VAL B 67 -9.96 24.51 31.14
C VAL B 67 -10.17 23.30 30.24
N TRP B 68 -9.24 22.36 30.27
CA TRP B 68 -9.33 21.17 29.44
C TRP B 68 -10.51 20.30 29.87
N ASN B 69 -10.83 20.34 31.17
CA ASN B 69 -11.98 19.60 31.69
C ASN B 69 -13.27 20.06 31.01
N ILE B 70 -13.33 21.33 30.64
CA ILE B 70 -14.46 21.86 29.90
C ILE B 70 -14.38 21.39 28.46
N VAL B 71 -13.19 21.47 27.88
CA VAL B 71 -12.96 21.09 26.50
C VAL B 71 -13.28 19.62 26.25
N ASN B 72 -12.86 18.75 27.16
CA ASN B 72 -13.04 17.32 27.00
C ASN B 72 -14.51 16.90 27.02
N ASN B 73 -15.33 17.66 27.72
CA ASN B 73 -16.75 17.35 27.82
C ASN B 73 -17.57 18.08 26.75
N ILE B 74 -16.89 18.85 25.92
CA ILE B 74 -17.52 19.45 24.74
C ILE B 74 -17.05 18.71 23.49
N PRO B 75 -17.92 17.83 22.96
CA PRO B 75 -17.62 16.95 21.82
C PRO B 75 -17.10 17.70 20.61
N PHE B 76 -17.80 18.74 20.19
CA PHE B 76 -17.41 19.51 19.00
C PHE B 76 -16.01 20.10 19.15
N LEU B 77 -15.67 20.52 20.37
CA LEU B 77 -14.37 21.12 20.62
C LEU B 77 -13.28 20.06 20.71
N ARG B 78 -13.59 18.97 21.41
CA ARG B 78 -12.65 17.87 21.57
C ARG B 78 -12.28 17.28 20.21
N SER B 79 -13.28 17.12 19.35
CA SER B 79 -13.07 16.58 18.01
C SER B 79 -12.21 17.51 17.17
N LEU B 80 -12.45 18.80 17.28
CA LEU B 80 -11.72 19.80 16.50
C LEU B 80 -10.24 19.79 16.86
N ILE B 81 -9.95 19.64 18.15
CA ILE B 81 -8.57 19.63 18.63
C ILE B 81 -7.85 18.34 18.25
N MET B 82 -8.52 17.21 18.45
CA MET B 82 -7.94 15.92 18.09
C MET B 82 -7.66 15.85 16.60
N LYS B 83 -8.58 16.41 15.81
CA LYS B 83 -8.42 16.46 14.36
C LYS B 83 -7.15 17.20 13.97
N TYR B 84 -6.88 18.30 14.68
CA TYR B 84 -5.68 19.10 14.42
C TYR B 84 -4.43 18.33 14.79
N VAL B 85 -4.48 17.60 15.89
CA VAL B 85 -3.36 16.78 16.32
C VAL B 85 -3.01 15.73 15.27
N LEU B 86 -4.04 15.08 14.74
CA LEU B 86 -3.83 14.03 13.74
C LEU B 86 -3.24 14.60 12.43
N THR B 87 -3.85 15.66 11.92
CA THR B 87 -3.44 16.22 10.63
C THR B 87 -2.04 16.82 10.66
N SER B 88 -1.78 17.68 11.65
CA SER B 88 -0.51 18.38 11.75
C SER B 88 0.68 17.44 11.93
N ARG B 89 0.47 16.34 12.65
CA ARG B 89 1.56 15.38 12.88
C ARG B 89 1.87 14.60 11.61
N SER B 90 0.82 14.05 10.98
CA SER B 90 0.99 13.13 9.87
C SER B 90 1.68 13.76 8.65
N TYR B 91 1.65 15.08 8.57
CA TYR B 91 2.22 15.76 7.43
C TYR B 91 3.75 15.74 7.45
N LEU B 92 4.32 15.29 8.57
CA LEU B 92 5.77 15.16 8.71
C LEU B 92 6.30 13.91 8.02
N ILE B 93 5.40 12.96 7.80
CA ILE B 93 5.76 11.68 7.23
C ILE B 93 5.58 11.64 5.71
N ASP B 94 6.59 11.12 5.02
CA ASP B 94 6.48 10.85 3.59
C ASP B 94 5.60 9.63 3.34
N SER B 95 4.51 9.83 2.61
CA SER B 95 3.60 8.74 2.28
C SER B 95 2.98 8.98 0.90
N PRO B 96 3.30 8.17 -0.09
CA PRO B 96 4.10 6.96 0.00
C PRO B 96 5.55 7.15 0.39
N PRO B 97 6.16 5.98 0.85
CA PRO B 97 7.48 6.21 1.40
C PRO B 97 8.61 6.32 0.42
N THR B 98 9.70 6.88 0.86
CA THR B 98 10.83 7.21 0.02
C THR B 98 12.07 6.34 0.27
N TYR B 99 12.97 6.80 1.12
CA TYR B 99 14.31 6.21 1.24
C TYR B 99 14.38 4.97 2.13
N ASN B 100 15.49 4.25 2.02
CA ASN B 100 15.84 3.22 3.00
C ASN B 100 17.34 3.18 3.20
N VAL B 101 17.83 2.15 3.90
CA VAL B 101 19.23 2.08 4.28
C VAL B 101 20.17 2.00 3.07
N HIS B 102 19.66 1.57 1.92
CA HIS B 102 20.49 1.41 0.73
C HIS B 102 20.27 2.48 -0.34
N TYR B 103 19.24 3.31 -0.17
CA TYR B 103 18.94 4.32 -1.17
C TYR B 103 18.75 5.71 -0.57
N GLY B 104 19.70 6.60 -0.87
CA GLY B 104 19.62 7.99 -0.45
C GLY B 104 18.96 8.82 -1.53
N TYR B 105 18.39 8.16 -2.50
CA TYR B 105 17.59 8.78 -3.51
C TYR B 105 16.42 7.86 -3.74
N LYS B 106 15.36 8.40 -4.30
CA LYS B 106 14.17 7.65 -4.56
C LYS B 106 14.32 6.69 -5.69
N SER B 107 13.78 5.50 -5.51
CA SER B 107 13.79 4.47 -6.49
C SER B 107 12.61 3.52 -6.37
N TRP B 108 12.33 2.78 -7.41
CA TRP B 108 11.25 1.79 -7.32
C TRP B 108 11.62 0.66 -6.37
N GLU B 109 12.91 0.40 -6.24
CA GLU B 109 13.39 -0.64 -5.35
C GLU B 109 13.12 -0.27 -3.90
N ALA B 110 13.39 0.98 -3.57
CA ALA B 110 13.16 1.49 -2.21
C ALA B 110 11.67 1.52 -1.88
N PHE B 111 10.84 1.74 -2.90
CA PHE B 111 9.39 1.81 -2.68
C PHE B 111 8.73 0.45 -2.56
N SER B 112 9.10 -0.48 -3.44
CA SER B 112 8.36 -1.72 -3.60
C SER B 112 8.80 -2.83 -2.65
N ASN B 113 10.06 -2.81 -2.23
CA ASN B 113 10.62 -3.88 -1.42
C ASN B 113 10.23 -3.71 0.05
N LEU B 114 9.23 -4.46 0.48
CA LEU B 114 8.67 -4.31 1.82
C LEU B 114 9.57 -4.87 2.93
N SER B 115 10.64 -5.57 2.55
CA SER B 115 11.56 -6.14 3.53
C SER B 115 12.38 -5.06 4.25
N TYR B 116 12.45 -3.87 3.66
CA TYR B 116 13.19 -2.76 4.26
C TYR B 116 12.36 -1.98 5.28
N TYR B 117 13.00 -1.55 6.37
CA TYR B 117 12.48 -0.42 7.12
C TYR B 117 12.66 0.79 6.22
N THR B 118 11.71 1.73 6.25
CA THR B 118 11.89 2.95 5.48
C THR B 118 12.67 3.95 6.31
N ARG B 119 13.04 5.07 5.69
CA ARG B 119 13.87 6.07 6.35
C ARG B 119 13.29 7.47 6.23
N ALA B 120 13.14 8.13 7.37
CA ALA B 120 12.69 9.52 7.42
C ALA B 120 13.75 10.45 6.83
N LEU B 121 15.02 10.15 7.12
CA LEU B 121 16.14 10.82 6.48
C LEU B 121 17.03 9.79 5.78
N PRO B 122 17.47 10.11 4.56
CA PRO B 122 18.32 9.19 3.80
C PRO B 122 19.64 8.92 4.51
N PRO B 123 20.26 7.76 4.21
CA PRO B 123 21.56 7.45 4.83
C PRO B 123 22.66 8.38 4.33
N VAL B 124 23.70 8.56 5.15
CA VAL B 124 24.89 9.27 4.72
C VAL B 124 25.63 8.40 3.71
N ALA B 125 25.95 8.98 2.55
CA ALA B 125 26.57 8.24 1.46
C ALA B 125 27.88 7.57 1.88
N ASP B 126 28.20 6.46 1.22
CA ASP B 126 29.36 5.66 1.58
C ASP B 126 30.69 6.39 1.38
N ASP B 127 30.74 7.27 0.39
CA ASP B 127 31.99 7.95 0.04
C ASP B 127 32.16 9.30 0.76
N CYS B 128 31.38 9.51 1.82
CA CYS B 128 31.51 10.72 2.62
C CYS B 128 32.74 10.62 3.53
N PRO B 129 33.46 11.74 3.70
CA PRO B 129 34.68 11.78 4.52
C PRO B 129 34.44 11.41 5.99
N THR B 130 33.34 11.89 6.57
CA THR B 130 33.04 11.63 7.97
C THR B 130 31.71 10.90 8.10
N PRO B 131 31.54 10.11 9.18
CA PRO B 131 30.31 9.36 9.44
C PRO B 131 29.03 10.19 9.36
N MET B 132 29.12 11.46 9.75
CA MET B 132 27.95 12.35 9.74
C MET B 132 27.91 13.21 8.48
N GLY B 133 28.85 12.97 7.57
CA GLY B 133 28.91 13.72 6.32
C GLY B 133 30.26 14.39 6.13
N VAL B 134 30.41 15.60 6.64
CA VAL B 134 31.68 16.32 6.55
C VAL B 134 32.12 16.88 7.91
N LYS B 135 31.18 16.96 8.84
CA LYS B 135 31.48 17.45 10.18
C LYS B 135 32.05 16.35 11.08
N GLY B 136 32.74 16.76 12.13
CA GLY B 136 33.27 15.81 13.11
C GLY B 136 34.55 15.15 12.67
N ASN B 137 35.04 14.22 13.49
CA ASN B 137 36.28 13.51 13.21
C ASN B 137 36.11 12.42 12.17
N LYS B 138 37.20 11.72 11.89
CA LYS B 138 37.19 10.64 10.91
C LYS B 138 36.28 9.51 11.39
N GLU B 139 36.22 9.33 12.70
CA GLU B 139 35.39 8.29 13.30
C GLU B 139 34.66 8.79 14.54
N LEU B 140 33.43 8.33 14.71
CA LEU B 140 32.63 8.64 15.89
C LEU B 140 33.29 8.05 17.13
N PRO B 141 33.02 8.63 18.31
CA PRO B 141 33.61 8.13 19.56
C PRO B 141 33.23 6.67 19.87
N ASP B 142 33.98 6.07 20.78
CA ASP B 142 33.77 4.67 21.17
C ASP B 142 32.37 4.48 21.75
N SER B 143 31.64 3.51 21.20
CA SER B 143 30.27 3.24 21.63
C SER B 143 30.22 2.78 23.09
N LYS B 144 31.24 2.04 23.52
CA LYS B 144 31.32 1.59 24.90
C LYS B 144 31.54 2.78 25.84
N GLU B 145 32.40 3.71 25.41
CA GLU B 145 32.67 4.92 26.18
C GLU B 145 31.40 5.74 26.37
N VAL B 146 30.67 5.96 25.29
CA VAL B 146 29.41 6.69 25.33
C VAL B 146 28.41 5.98 26.24
N LEU B 147 28.37 4.66 26.11
CA LEU B 147 27.45 3.83 26.90
C LEU B 147 27.72 3.97 28.40
N GLU B 148 28.99 3.87 28.79
CA GLU B 148 29.34 3.87 30.20
C GLU B 148 29.30 5.27 30.82
N LYS B 149 29.67 6.29 30.04
CA LYS B 149 29.77 7.64 30.58
C LYS B 149 28.43 8.32 30.80
N VAL B 150 27.48 8.14 29.89
CA VAL B 150 26.22 8.87 29.98
C VAL B 150 24.97 8.02 29.83
N LEU B 151 25.12 6.71 29.62
CA LEU B 151 23.95 5.86 29.42
C LEU B 151 23.72 4.85 30.55
N LEU B 152 24.77 4.16 30.96
CA LEU B 152 24.64 3.09 31.96
C LEU B 152 24.08 3.60 33.27
N ARG B 153 23.18 2.83 33.87
CA ARG B 153 22.51 3.21 35.11
C ARG B 153 23.42 3.12 36.32
N ARG B 154 23.56 4.22 37.04
CA ARG B 154 24.25 4.23 38.32
C ARG B 154 23.28 3.80 39.41
N GLU B 155 22.23 4.59 39.56
CA GLU B 155 21.16 4.29 40.50
C GLU B 155 19.82 4.40 39.78
N PHE B 156 18.89 3.51 40.11
CA PHE B 156 17.61 3.46 39.42
C PHE B 156 16.84 4.78 39.52
N ILE B 157 16.69 5.45 38.39
CA ILE B 157 15.91 6.68 38.33
C ILE B 157 14.48 6.38 37.91
N PRO B 158 13.53 6.57 38.83
CA PRO B 158 12.11 6.26 38.55
C PRO B 158 11.48 7.25 37.58
N ASP B 159 10.36 6.86 37.00
CA ASP B 159 9.65 7.72 36.07
C ASP B 159 8.73 8.70 36.80
N PRO B 160 8.98 10.00 36.65
CA PRO B 160 8.15 11.04 37.29
C PRO B 160 6.68 10.97 36.87
N GLN B 161 6.39 10.38 35.72
CA GLN B 161 5.02 10.23 35.27
C GLN B 161 4.41 8.96 35.84
N GLY B 162 5.25 8.15 36.49
CA GLY B 162 4.79 6.98 37.22
C GLY B 162 4.41 5.78 36.39
N SER B 163 4.98 5.66 35.19
CA SER B 163 4.70 4.51 34.31
C SER B 163 5.06 3.20 35.00
N ASN B 164 4.14 2.24 34.97
CA ASN B 164 4.38 0.96 35.63
C ASN B 164 4.82 -0.13 34.65
N MET B 165 5.01 -1.34 35.17
CA MET B 165 5.47 -2.45 34.34
C MET B 165 4.39 -2.95 33.40
N MET B 166 3.13 -2.62 33.69
CA MET B 166 2.05 -2.92 32.77
C MET B 166 2.22 -2.08 31.51
N PHE B 167 2.73 -0.88 31.68
CA PHE B 167 3.01 0.02 30.56
C PHE B 167 4.20 -0.49 29.74
N ALA B 168 5.29 -0.80 30.44
CA ALA B 168 6.52 -1.27 29.82
C ALA B 168 6.31 -2.51 28.96
N PHE B 169 5.59 -3.49 29.50
CA PHE B 169 5.38 -4.75 28.78
C PHE B 169 4.34 -4.61 27.68
N PHE B 170 3.42 -3.66 27.81
CA PHE B 170 2.50 -3.37 26.72
C PHE B 170 3.28 -2.79 25.56
N ALA B 171 4.19 -1.87 25.86
CA ALA B 171 5.00 -1.23 24.84
C ALA B 171 5.81 -2.25 24.05
N GLN B 172 6.43 -3.19 24.76
CA GLN B 172 7.24 -4.19 24.10
C GLN B 172 6.39 -5.18 23.31
N HIS B 173 5.25 -5.55 23.88
CA HIS B 173 4.35 -6.50 23.22
C HIS B 173 3.73 -5.87 21.97
N PHE B 174 3.17 -4.67 22.13
CA PHE B 174 2.52 -3.96 21.04
C PHE B 174 3.45 -3.69 19.86
N THR B 175 4.63 -3.17 20.13
CA THR B 175 5.54 -2.74 19.07
C THR B 175 6.31 -3.90 18.43
N HIS B 176 6.28 -5.06 19.06
CA HIS B 176 6.99 -6.23 18.53
C HIS B 176 6.29 -6.81 17.31
N GLN B 177 5.17 -6.22 16.93
CA GLN B 177 4.45 -6.69 15.75
C GLN B 177 4.88 -5.95 14.50
N PHE B 178 5.48 -4.80 14.69
CA PHE B 178 5.97 -4.03 13.59
C PHE B 178 7.44 -3.71 13.64
N PHE B 179 8.10 -4.05 14.73
CA PHE B 179 9.52 -4.03 14.77
C PHE B 179 9.98 -5.46 14.86
N LYS B 180 10.18 -6.10 13.73
CA LYS B 180 10.67 -7.45 13.70
C LYS B 180 11.86 -7.47 12.82
N THR B 181 13.00 -7.20 13.39
CA THR B 181 14.19 -7.00 12.61
C THR B 181 14.68 -8.30 12.01
N ASP B 182 14.90 -8.31 10.71
CA ASP B 182 15.41 -9.51 10.03
C ASP B 182 16.93 -9.56 10.19
N HIS B 183 17.39 -10.21 11.25
CA HIS B 183 18.81 -10.25 11.58
C HIS B 183 19.63 -10.99 10.53
N LYS B 184 18.97 -11.81 9.72
CA LYS B 184 19.62 -12.47 8.59
C LYS B 184 20.16 -11.44 7.61
N ARG B 185 19.32 -10.46 7.28
CA ARG B 185 19.66 -9.47 6.26
C ARG B 185 20.38 -8.25 6.86
N GLY B 186 19.95 -7.82 8.04
CA GLY B 186 20.54 -6.67 8.67
C GLY B 186 19.53 -5.80 9.42
N PRO B 187 20.03 -4.79 10.16
CA PRO B 187 19.20 -3.92 11.00
C PRO B 187 18.25 -3.04 10.19
N GLY B 188 18.53 -2.86 8.92
CA GLY B 188 17.69 -2.05 8.06
C GLY B 188 16.56 -2.85 7.42
N PHE B 189 16.42 -4.10 7.83
CA PHE B 189 15.40 -4.97 7.27
C PHE B 189 14.40 -5.44 8.32
N THR B 190 13.18 -5.72 7.88
CA THR B 190 12.14 -6.19 8.78
C THR B 190 11.48 -7.45 8.24
N ARG B 191 10.89 -8.22 9.14
CA ARG B 191 10.11 -9.40 8.77
C ARG B 191 8.61 -9.12 8.84
N GLY B 192 8.25 -8.00 9.46
CA GLY B 192 6.86 -7.58 9.53
C GLY B 192 6.43 -6.86 8.27
N LEU B 193 6.10 -7.62 7.23
CA LEU B 193 5.78 -7.06 5.93
C LEU B 193 4.44 -6.33 5.92
N GLY B 194 3.69 -6.44 7.02
CA GLY B 194 2.43 -5.74 7.15
C GLY B 194 2.63 -4.27 7.49
N HIS B 195 3.82 -3.97 8.04
CA HIS B 195 4.22 -2.60 8.35
C HIS B 195 3.19 -1.83 9.17
N GLY B 196 2.67 -2.44 10.23
CA GLY B 196 1.71 -1.77 11.08
C GLY B 196 0.99 -2.68 12.06
N VAL B 197 -0.20 -2.25 12.46
CA VAL B 197 -0.98 -2.96 13.45
C VAL B 197 -1.85 -4.05 12.80
N ASP B 198 -1.24 -5.18 12.49
CA ASP B 198 -1.98 -6.31 11.92
C ASP B 198 -2.19 -7.42 12.94
N LEU B 199 -1.54 -7.29 14.09
CA LEU B 199 -1.58 -8.27 15.17
C LEU B 199 -0.97 -9.61 14.73
N ASN B 200 0.12 -9.55 13.98
CA ASN B 200 0.83 -10.77 13.59
C ASN B 200 1.53 -11.38 14.79
N HIS B 201 1.73 -10.59 15.84
CA HIS B 201 2.31 -11.09 17.08
C HIS B 201 1.30 -11.95 17.85
N ILE B 202 0.07 -11.99 17.37
CA ILE B 202 -0.94 -12.87 17.94
C ILE B 202 -1.34 -13.97 16.95
N TYR B 203 -1.51 -13.61 15.69
CA TYR B 203 -2.04 -14.52 14.69
C TYR B 203 -0.99 -15.10 13.75
N GLY B 204 0.26 -14.64 13.87
CA GLY B 204 1.31 -15.12 13.00
C GLY B 204 1.45 -14.32 11.72
N GLU B 205 2.68 -14.19 11.25
CA GLU B 205 2.96 -13.43 10.03
C GLU B 205 2.44 -14.14 8.78
N THR B 206 2.62 -15.45 8.73
CA THR B 206 2.24 -16.22 7.55
C THR B 206 0.93 -16.99 7.76
N LEU B 207 0.33 -17.43 6.66
CA LEU B 207 -0.94 -18.15 6.70
C LEU B 207 -0.79 -19.53 7.35
N ASP B 208 0.30 -20.22 7.05
CA ASP B 208 0.52 -21.56 7.59
C ASP B 208 0.72 -21.51 9.11
N ARG B 209 1.30 -20.42 9.58
CA ARG B 209 1.49 -20.23 11.02
C ARG B 209 0.16 -19.93 11.71
N GLN B 210 -0.66 -19.09 11.08
CA GLN B 210 -2.00 -18.80 11.56
C GLN B 210 -2.82 -20.08 11.71
N HIS B 211 -2.83 -20.90 10.66
CA HIS B 211 -3.67 -22.09 10.62
C HIS B 211 -3.24 -23.11 11.67
N LYS B 212 -1.98 -23.08 12.07
CA LYS B 212 -1.49 -23.96 13.11
C LYS B 212 -1.92 -23.48 14.49
N LEU B 213 -2.21 -22.19 14.61
CA LEU B 213 -2.59 -21.60 15.88
C LEU B 213 -4.10 -21.61 16.09
N ARG B 214 -4.84 -21.90 15.02
CA ARG B 214 -6.30 -21.84 15.04
C ARG B 214 -6.94 -23.18 15.40
N LEU B 215 -8.06 -23.09 16.10
CA LEU B 215 -8.84 -24.26 16.51
C LEU B 215 -9.70 -24.74 15.35
N PHE B 216 -9.99 -23.82 14.44
CA PHE B 216 -10.89 -24.06 13.31
C PHE B 216 -12.29 -24.50 13.75
N LYS B 217 -12.70 -24.04 14.93
CA LYS B 217 -14.09 -24.11 15.32
C LYS B 217 -14.48 -22.86 16.10
N ASP B 218 -15.62 -22.28 15.74
CA ASP B 218 -16.14 -21.07 16.35
C ASP B 218 -15.17 -19.89 16.22
N GLY B 219 -14.30 -19.96 15.21
CA GLY B 219 -13.37 -18.90 14.92
C GLY B 219 -12.22 -18.79 15.91
N LYS B 220 -12.16 -19.70 16.87
CA LYS B 220 -11.27 -19.55 18.01
C LYS B 220 -9.83 -19.95 17.71
N LEU B 221 -8.92 -19.50 18.59
CA LEU B 221 -7.54 -19.91 18.58
C LEU B 221 -7.32 -21.09 19.51
N LYS B 222 -6.36 -21.96 19.17
CA LYS B 222 -6.02 -23.09 20.02
C LYS B 222 -5.53 -22.62 21.37
N TYR B 223 -5.71 -23.46 22.39
CA TYR B 223 -5.27 -23.14 23.73
C TYR B 223 -5.23 -24.40 24.58
N GLN B 224 -4.58 -24.30 25.74
CA GLN B 224 -4.61 -25.36 26.72
C GLN B 224 -5.09 -24.82 28.05
N VAL B 225 -5.52 -25.71 28.93
CA VAL B 225 -6.02 -25.30 30.23
C VAL B 225 -5.21 -25.96 31.34
N ILE B 226 -4.49 -25.12 32.10
CA ILE B 226 -3.70 -25.60 33.23
C ILE B 226 -4.20 -24.97 34.52
N GLY B 227 -4.63 -25.81 35.45
CA GLY B 227 -5.15 -25.34 36.72
C GLY B 227 -6.47 -24.59 36.57
N GLY B 228 -7.19 -24.87 35.50
CA GLY B 228 -8.44 -24.19 35.21
C GLY B 228 -8.24 -22.90 34.44
N GLU B 229 -6.98 -22.54 34.24
CA GLU B 229 -6.63 -21.29 33.56
C GLU B 229 -6.24 -21.51 32.10
N VAL B 230 -6.77 -20.66 31.22
CA VAL B 230 -6.48 -20.76 29.79
C VAL B 230 -5.10 -20.19 29.44
N TYR B 231 -4.30 -20.99 28.75
CA TYR B 231 -2.99 -20.57 28.30
C TYR B 231 -2.81 -20.92 26.83
N PRO B 232 -1.83 -20.29 26.16
CA PRO B 232 -1.51 -20.67 24.78
C PRO B 232 -1.16 -22.13 24.65
N PRO B 233 -1.40 -22.72 23.47
CA PRO B 233 -1.07 -24.14 23.26
C PRO B 233 0.43 -24.35 23.20
N THR B 234 0.86 -25.59 23.06
CA THR B 234 2.28 -25.92 23.09
C THR B 234 2.89 -25.98 21.69
N VAL B 235 4.21 -25.91 21.63
CA VAL B 235 4.93 -26.13 20.37
C VAL B 235 4.69 -27.55 19.86
N LYS B 236 4.67 -28.52 20.77
CA LYS B 236 4.48 -29.91 20.42
C LYS B 236 3.11 -30.17 19.80
N ASP B 237 2.09 -29.46 20.30
CA ASP B 237 0.73 -29.66 19.83
C ASP B 237 0.45 -28.97 18.49
N THR B 238 0.98 -27.76 18.33
CA THR B 238 0.66 -26.95 17.16
C THR B 238 1.69 -27.06 16.05
N GLN B 239 2.90 -27.43 16.42
CA GLN B 239 4.04 -27.49 15.50
C GLN B 239 4.39 -26.13 14.88
N VAL B 240 4.23 -25.06 15.66
CA VAL B 240 4.71 -23.75 15.22
C VAL B 240 6.10 -23.52 15.81
N GLU B 241 6.93 -22.77 15.10
CA GLU B 241 8.29 -22.55 15.54
C GLU B 241 8.36 -21.43 16.58
N MET B 242 8.87 -21.76 17.76
CA MET B 242 9.09 -20.76 18.79
C MET B 242 10.56 -20.80 19.23
N ILE B 243 11.03 -19.72 19.82
CA ILE B 243 12.40 -19.67 20.30
C ILE B 243 12.46 -19.97 21.79
N TYR B 244 12.85 -21.20 22.11
CA TYR B 244 13.05 -21.63 23.49
C TYR B 244 14.37 -22.37 23.63
N PRO B 245 15.04 -22.19 24.77
CA PRO B 245 16.18 -23.06 25.08
C PRO B 245 15.70 -24.51 25.23
N PRO B 246 16.54 -25.48 24.84
CA PRO B 246 16.14 -26.89 24.73
C PRO B 246 15.70 -27.54 26.05
N HIS B 247 15.92 -26.87 27.18
CA HIS B 247 15.61 -27.47 28.47
C HIS B 247 14.21 -27.13 28.97
N ILE B 248 13.53 -26.22 28.27
CA ILE B 248 12.17 -25.82 28.66
C ILE B 248 11.20 -27.00 28.54
N PRO B 249 10.48 -27.30 29.63
CA PRO B 249 9.48 -28.38 29.61
C PRO B 249 8.43 -28.18 28.54
N GLU B 250 7.85 -29.28 28.06
CA GLU B 250 6.93 -29.26 26.92
C GLU B 250 5.74 -28.34 27.13
N ASN B 251 5.12 -28.43 28.30
CA ASN B 251 3.92 -27.67 28.59
C ASN B 251 4.20 -26.18 28.76
N LEU B 252 5.47 -25.81 28.90
CA LEU B 252 5.86 -24.42 29.06
C LEU B 252 6.36 -23.79 27.76
N GLN B 253 6.51 -24.62 26.73
CA GLN B 253 6.84 -24.10 25.41
C GLN B 253 5.58 -23.59 24.74
N PHE B 254 5.13 -22.42 25.16
CA PHE B 254 3.91 -21.81 24.65
C PHE B 254 4.04 -21.39 23.19
N ALA B 255 3.02 -21.69 22.40
CA ALA B 255 3.00 -21.33 20.98
C ALA B 255 2.10 -20.12 20.74
N VAL B 256 2.72 -19.01 20.30
CA VAL B 256 1.97 -17.78 20.00
C VAL B 256 2.42 -17.14 18.68
N GLY B 257 1.76 -16.06 18.30
CA GLY B 257 2.04 -15.38 17.04
C GLY B 257 3.48 -14.95 16.85
N GLN B 258 4.07 -14.36 17.88
CA GLN B 258 5.46 -13.91 17.81
C GLN B 258 6.39 -14.93 18.45
N GLU B 259 7.41 -15.33 17.70
CA GLU B 259 8.31 -16.40 18.10
C GLU B 259 9.24 -16.06 19.27
N VAL B 260 9.30 -14.80 19.66
CA VAL B 260 10.21 -14.38 20.72
C VAL B 260 9.49 -14.03 22.03
N PHE B 261 8.18 -14.24 22.07
CA PHE B 261 7.41 -13.85 23.26
C PHE B 261 7.60 -14.83 24.41
N GLY B 262 8.26 -15.96 24.14
CA GLY B 262 8.60 -16.91 25.17
C GLY B 262 9.84 -16.46 25.95
N LEU B 263 10.50 -15.43 25.44
CA LEU B 263 11.68 -14.86 26.08
C LEU B 263 11.34 -14.18 27.40
N VAL B 264 10.19 -13.50 27.43
CA VAL B 264 9.78 -12.75 28.61
C VAL B 264 8.39 -13.16 29.09
N PRO B 265 8.26 -13.48 30.38
CA PRO B 265 6.96 -13.81 30.99
C PRO B 265 5.99 -12.64 30.92
N GLY B 266 6.52 -11.43 30.86
CA GLY B 266 5.69 -10.24 30.71
C GLY B 266 5.01 -10.20 29.36
N LEU B 267 5.75 -10.61 28.33
CA LEU B 267 5.22 -10.66 26.97
C LEU B 267 4.20 -11.78 26.82
N MET B 268 4.45 -12.89 27.52
CA MET B 268 3.55 -14.03 27.48
C MET B 268 2.27 -13.71 28.26
N MET B 269 2.37 -12.79 29.21
CA MET B 269 1.21 -12.33 29.96
C MET B 269 0.20 -11.67 29.04
N TYR B 270 0.65 -10.69 28.27
CA TYR B 270 -0.22 -10.00 27.32
C TYR B 270 -0.64 -10.94 26.20
N ALA B 271 0.25 -11.85 25.81
CA ALA B 271 -0.05 -12.84 24.79
C ALA B 271 -1.22 -13.73 25.20
N THR B 272 -1.25 -14.10 26.47
CA THR B 272 -2.35 -14.89 27.02
C THR B 272 -3.64 -14.07 27.05
N ILE B 273 -3.52 -12.83 27.49
CA ILE B 273 -4.67 -11.94 27.59
C ILE B 273 -5.35 -11.73 26.23
N TRP B 274 -4.54 -11.42 25.21
CA TRP B 274 -5.09 -11.19 23.88
C TRP B 274 -5.66 -12.47 23.29
N LEU B 275 -5.01 -13.59 23.56
CA LEU B 275 -5.52 -14.89 23.15
C LEU B 275 -6.92 -15.12 23.72
N ARG B 276 -7.07 -14.88 25.03
CA ARG B 276 -8.37 -15.00 25.68
C ARG B 276 -9.37 -14.02 25.10
N GLU B 277 -8.92 -12.79 24.86
CA GLU B 277 -9.75 -11.75 24.27
C GLU B 277 -10.32 -12.17 22.91
N HIS B 278 -9.46 -12.72 22.06
CA HIS B 278 -9.88 -13.20 20.75
C HIS B 278 -11.00 -14.23 20.85
N ASN B 279 -10.80 -15.22 21.72
CA ASN B 279 -11.79 -16.27 21.91
C ASN B 279 -13.06 -15.75 22.59
N ARG B 280 -12.91 -14.71 23.40
CA ARG B 280 -14.07 -14.08 24.04
C ARG B 280 -14.95 -13.43 22.98
N VAL B 281 -14.33 -12.68 22.07
CA VAL B 281 -15.03 -12.04 20.98
C VAL B 281 -15.68 -13.07 20.06
N CYS B 282 -14.99 -14.20 19.86
CA CYS B 282 -15.54 -15.31 19.09
C CYS B 282 -16.86 -15.78 19.70
N ASP B 283 -16.89 -15.87 21.03
CA ASP B 283 -18.11 -16.26 21.73
C ASP B 283 -19.21 -15.24 21.56
N ILE B 284 -18.84 -13.95 21.61
CA ILE B 284 -19.80 -12.87 21.44
C ILE B 284 -20.41 -12.87 20.05
N LEU B 285 -19.54 -12.93 19.03
CA LEU B 285 -20.00 -12.91 17.65
C LEU B 285 -20.89 -14.10 17.29
N LYS B 286 -20.54 -15.27 17.80
CA LYS B 286 -21.30 -16.49 17.51
C LYS B 286 -22.72 -16.39 18.04
N GLN B 287 -22.86 -15.80 19.22
CA GLN B 287 -24.17 -15.55 19.80
C GLN B 287 -24.98 -14.61 18.91
N GLU B 288 -24.29 -13.61 18.34
CA GLU B 288 -24.92 -12.68 17.44
C GLU B 288 -25.15 -13.30 16.07
N HIS B 289 -24.23 -14.17 15.65
CA HIS B 289 -24.30 -14.80 14.35
C HIS B 289 -24.17 -16.31 14.42
N PRO B 290 -25.24 -17.00 14.86
CA PRO B 290 -25.22 -18.46 14.91
C PRO B 290 -25.17 -19.09 13.51
N GLU B 291 -25.40 -18.27 12.48
CA GLU B 291 -25.38 -18.74 11.10
C GLU B 291 -23.98 -18.65 10.49
N TRP B 292 -23.07 -17.97 11.19
CA TRP B 292 -21.70 -17.79 10.70
C TRP B 292 -20.86 -19.05 10.87
N GLY B 293 -19.88 -19.20 9.99
CA GLY B 293 -18.94 -20.31 10.06
C GLY B 293 -17.70 -19.93 10.85
N ASP B 294 -16.80 -20.89 11.00
CA ASP B 294 -15.54 -20.68 11.71
C ASP B 294 -14.64 -19.62 11.08
N GLU B 295 -14.59 -19.59 9.75
CA GLU B 295 -13.70 -18.68 9.05
C GLU B 295 -14.09 -17.22 9.27
N GLN B 296 -15.37 -16.92 9.10
CA GLN B 296 -15.84 -15.54 9.26
C GLN B 296 -15.73 -15.07 10.70
N LEU B 297 -15.99 -15.97 11.65
CA LEU B 297 -15.87 -15.65 13.06
C LEU B 297 -14.43 -15.26 13.41
N PHE B 298 -13.47 -16.01 12.86
CA PHE B 298 -12.06 -15.72 13.10
C PHE B 298 -11.65 -14.36 12.52
N GLN B 299 -11.99 -14.13 11.25
CA GLN B 299 -11.57 -12.90 10.57
C GLN B 299 -12.20 -11.67 11.19
N THR B 300 -13.48 -11.79 11.56
CA THR B 300 -14.20 -10.68 12.16
C THR B 300 -13.60 -10.35 13.52
N SER B 301 -13.29 -11.39 14.30
CA SER B 301 -12.67 -11.19 15.61
C SER B 301 -11.35 -10.45 15.50
N ARG B 302 -10.56 -10.82 14.49
CA ARG B 302 -9.26 -10.20 14.26
C ARG B 302 -9.38 -8.71 14.00
N LEU B 303 -10.29 -8.34 13.09
CA LEU B 303 -10.54 -6.93 12.80
C LEU B 303 -10.96 -6.17 14.06
N ILE B 304 -11.74 -6.81 14.91
CA ILE B 304 -12.19 -6.19 16.15
C ILE B 304 -11.01 -5.97 17.11
N LEU B 305 -10.14 -6.97 17.23
CA LEU B 305 -9.00 -6.86 18.14
C LEU B 305 -7.99 -5.83 17.63
N ILE B 306 -7.90 -5.68 16.31
CA ILE B 306 -7.10 -4.63 15.72
C ILE B 306 -7.63 -3.27 16.13
N GLY B 307 -8.95 -3.10 16.06
CA GLY B 307 -9.61 -1.89 16.53
C GLY B 307 -9.36 -1.65 18.01
N GLU B 308 -9.57 -2.70 18.81
CA GLU B 308 -9.35 -2.62 20.25
C GLU B 308 -7.93 -2.17 20.60
N THR B 309 -6.96 -2.71 19.89
CA THR B 309 -5.56 -2.37 20.11
C THR B 309 -5.32 -0.89 19.85
N ILE B 310 -5.84 -0.37 18.74
CA ILE B 310 -5.62 1.03 18.37
C ILE B 310 -6.32 1.97 19.33
N LYS B 311 -7.53 1.61 19.74
CA LYS B 311 -8.30 2.36 20.73
C LYS B 311 -7.52 2.52 22.03
N ILE B 312 -6.97 1.40 22.51
CA ILE B 312 -6.20 1.37 23.75
C ILE B 312 -4.89 2.15 23.61
N VAL B 313 -4.19 1.96 22.50
CA VAL B 313 -2.92 2.64 22.26
C VAL B 313 -3.10 4.16 22.33
N ILE B 314 -4.14 4.68 21.70
CA ILE B 314 -4.37 6.12 21.68
C ILE B 314 -4.90 6.66 23.01
N GLU B 315 -6.02 6.13 23.47
CA GLU B 315 -6.72 6.71 24.60
C GLU B 315 -6.26 6.28 25.98
N ASP B 316 -5.40 5.28 26.07
CA ASP B 316 -4.86 4.88 27.33
C ASP B 316 -3.38 4.96 27.33
N TYR B 317 -2.75 4.43 26.31
CA TYR B 317 -1.32 4.28 26.30
C TYR B 317 -0.65 5.59 25.96
N VAL B 318 -1.00 6.15 24.83
CA VAL B 318 -0.45 7.45 24.47
C VAL B 318 -0.94 8.55 25.41
N GLN B 319 -2.23 8.50 25.75
CA GLN B 319 -2.83 9.46 26.67
C GLN B 319 -2.02 9.62 27.94
N HIS B 320 -1.63 8.50 28.53
CA HIS B 320 -0.77 8.50 29.72
C HIS B 320 0.62 9.05 29.42
N LEU B 321 1.18 8.61 28.31
CA LEU B 321 2.54 8.95 27.94
C LEU B 321 2.73 10.44 27.65
N SER B 322 1.75 11.04 26.99
CA SER B 322 1.83 12.45 26.62
C SER B 322 1.79 13.36 27.83
N GLY B 323 0.94 13.02 28.80
CA GLY B 323 0.77 13.83 29.99
C GLY B 323 -0.23 14.94 29.77
N TYR B 324 -0.95 14.87 28.66
CA TYR B 324 -1.92 15.89 28.29
C TYR B 324 -3.13 15.89 29.22
N HIS B 325 -3.76 17.05 29.37
CA HIS B 325 -5.03 17.14 30.07
C HIS B 325 -6.17 17.04 29.07
N PHE B 326 -5.82 17.15 27.79
CA PHE B 326 -6.77 16.95 26.71
C PHE B 326 -7.07 15.46 26.56
N LYS B 327 -8.35 15.13 26.42
CA LYS B 327 -8.76 13.74 26.30
C LYS B 327 -8.58 13.25 24.87
N LEU B 328 -7.47 12.56 24.60
CA LEU B 328 -7.20 12.02 23.28
C LEU B 328 -8.30 11.05 22.86
N LYS B 329 -8.63 11.07 21.58
CA LYS B 329 -9.77 10.31 21.08
C LYS B 329 -9.40 9.51 19.83
N PHE B 330 -9.74 8.23 19.83
CA PHE B 330 -9.62 7.43 18.62
C PHE B 330 -10.92 7.50 17.82
N ASP B 331 -10.89 8.27 16.75
CA ASP B 331 -12.08 8.47 15.93
C ASP B 331 -11.70 8.72 14.47
N PRO B 332 -11.75 7.66 13.65
CA PRO B 332 -11.41 7.70 12.22
C PRO B 332 -12.20 8.74 11.44
N GLU B 333 -13.37 9.11 11.94
CA GLU B 333 -14.25 10.05 11.24
C GLU B 333 -13.62 11.44 11.14
N LEU B 334 -12.74 11.77 12.08
CA LEU B 334 -12.07 13.06 12.10
C LEU B 334 -11.28 13.35 10.82
N LEU B 335 -10.84 12.29 10.13
CA LEU B 335 -9.97 12.43 8.97
C LEU B 335 -10.68 12.27 7.64
N PHE B 336 -11.99 12.04 7.69
CA PHE B 336 -12.76 11.76 6.48
C PHE B 336 -12.85 12.96 5.53
N ASN B 337 -12.80 14.17 6.09
CA ASN B 337 -12.86 15.37 5.27
C ASN B 337 -11.47 15.99 5.08
N GLN B 338 -10.45 15.27 5.52
CA GLN B 338 -9.07 15.73 5.42
C GLN B 338 -8.30 14.94 4.38
N GLN B 339 -7.21 15.53 3.88
CA GLN B 339 -6.28 14.81 3.03
C GLN B 339 -5.41 13.92 3.89
N PHE B 340 -5.47 12.61 3.65
CA PHE B 340 -4.73 11.65 4.45
C PHE B 340 -4.56 10.34 3.69
N GLN B 341 -3.36 9.78 3.72
CA GLN B 341 -3.08 8.50 3.08
C GLN B 341 -3.26 7.34 4.05
N TYR B 342 -4.19 6.43 3.73
CA TYR B 342 -4.39 5.24 4.53
C TYR B 342 -3.40 4.15 4.15
N GLN B 343 -2.13 4.38 4.47
CA GLN B 343 -1.06 3.42 4.26
C GLN B 343 0.10 3.79 5.17
N ASN B 344 1.00 2.85 5.42
CA ASN B 344 2.13 3.12 6.27
C ASN B 344 3.32 2.22 5.98
N ARG B 345 4.52 2.75 6.22
CA ARG B 345 5.75 1.97 6.11
C ARG B 345 6.58 2.27 7.35
N ILE B 346 6.96 1.22 8.08
CA ILE B 346 7.69 1.38 9.33
C ILE B 346 9.07 2.01 9.13
N ALA B 347 9.31 3.13 9.81
CA ALA B 347 10.59 3.83 9.69
C ALA B 347 11.63 3.23 10.61
N SER B 348 12.85 3.11 10.11
CA SER B 348 13.97 2.59 10.89
C SER B 348 14.20 3.44 12.13
N GLU B 349 14.04 4.75 11.98
CA GLU B 349 14.23 5.67 13.09
C GLU B 349 13.18 5.46 14.18
N PHE B 350 11.96 5.09 13.77
CA PHE B 350 10.89 4.85 14.73
C PHE B 350 11.24 3.64 15.59
N ASN B 351 11.87 2.66 14.98
CA ASN B 351 12.42 1.51 15.68
C ASN B 351 13.52 1.95 16.65
N THR B 352 14.34 2.90 16.21
CA THR B 352 15.40 3.45 17.05
C THR B 352 14.84 4.26 18.21
N LEU B 353 13.84 5.10 17.93
CA LEU B 353 13.20 5.93 18.94
C LEU B 353 12.61 5.08 20.06
N TYR B 354 12.20 3.87 19.70
CA TYR B 354 11.47 3.01 20.62
C TYR B 354 12.40 2.10 21.42
N HIS B 355 13.70 2.33 21.30
CA HIS B 355 14.67 1.60 22.10
C HIS B 355 14.72 2.17 23.52
N TRP B 356 13.62 2.00 24.24
CA TRP B 356 13.46 2.54 25.59
C TRP B 356 14.09 1.62 26.63
N HIS B 357 15.39 1.39 26.51
CA HIS B 357 16.13 0.56 27.46
C HIS B 357 16.09 1.06 28.92
N PRO B 358 16.14 2.39 29.15
CA PRO B 358 16.04 2.83 30.56
C PRO B 358 14.71 2.50 31.23
N LEU B 359 13.68 2.15 30.46
CA LEU B 359 12.39 1.78 31.03
C LEU B 359 12.48 0.61 32.01
N LEU B 360 13.38 -0.33 31.71
CA LEU B 360 13.50 -1.56 32.50
C LEU B 360 13.98 -1.31 33.92
N PRO B 361 13.34 -1.97 34.90
CA PRO B 361 13.70 -1.87 36.31
C PRO B 361 14.90 -2.74 36.66
N ASP B 362 15.43 -2.58 37.87
CA ASP B 362 16.54 -3.42 38.34
C ASP B 362 16.09 -4.86 38.53
N THR B 363 14.92 -5.03 39.15
CA THR B 363 14.33 -6.35 39.35
C THR B 363 12.86 -6.33 38.97
N PHE B 364 12.31 -7.52 38.74
CA PHE B 364 10.89 -7.66 38.42
C PHE B 364 10.10 -8.16 39.62
N ASN B 365 9.46 -7.24 40.34
CA ASN B 365 8.75 -7.57 41.56
C ASN B 365 7.40 -8.20 41.30
N ILE B 366 7.27 -9.48 41.65
CA ILE B 366 6.00 -10.19 41.50
C ILE B 366 5.54 -10.76 42.85
N GLU B 367 4.37 -10.35 43.33
CA GLU B 367 3.90 -10.87 44.60
C GLU B 367 4.90 -10.57 45.74
N ASP B 368 5.68 -11.57 46.14
CA ASP B 368 6.61 -11.38 47.24
C ASP B 368 8.02 -11.68 46.82
N GLN B 369 8.18 -11.96 45.54
CA GLN B 369 9.50 -12.19 45.03
C GLN B 369 9.98 -10.98 44.31
N GLU B 370 11.26 -11.01 44.03
CA GLU B 370 11.95 -9.99 43.26
C GLU B 370 12.96 -10.63 42.31
N TYR B 371 12.47 -11.10 41.17
CA TYR B 371 13.29 -11.82 40.21
C TYR B 371 14.27 -10.91 39.47
N SER B 372 15.44 -11.46 39.15
CA SER B 372 16.43 -10.74 38.35
C SER B 372 16.18 -10.96 36.87
N PHE B 373 17.13 -10.54 36.03
CA PHE B 373 17.00 -10.73 34.59
C PHE B 373 17.26 -12.17 34.19
N LYS B 374 18.30 -12.77 34.77
CA LYS B 374 18.64 -14.16 34.47
C LYS B 374 17.54 -15.11 34.92
N GLN B 375 16.82 -14.72 35.97
CA GLN B 375 15.72 -15.51 36.50
C GLN B 375 14.44 -15.30 35.70
N PHE B 376 14.35 -14.16 35.04
CA PHE B 376 13.12 -13.79 34.34
C PHE B 376 13.10 -14.32 32.91
N LEU B 377 14.24 -14.27 32.23
CA LEU B 377 14.32 -14.68 30.83
C LEU B 377 14.02 -16.16 30.63
N TYR B 378 13.12 -16.45 29.68
CA TYR B 378 12.74 -17.81 29.31
C TYR B 378 12.24 -18.64 30.49
N ASN B 379 11.47 -18.02 31.37
CA ASN B 379 10.93 -18.72 32.53
C ASN B 379 9.44 -18.47 32.67
N ASN B 380 8.65 -19.20 31.86
CA ASN B 380 7.20 -19.06 31.88
C ASN B 380 6.56 -19.69 33.10
N SER B 381 7.35 -20.44 33.87
CA SER B 381 6.85 -21.07 35.07
C SER B 381 6.45 -20.03 36.10
N ILE B 382 7.09 -18.86 36.02
CA ILE B 382 6.75 -17.74 36.89
C ILE B 382 5.33 -17.27 36.61
N LEU B 383 4.95 -17.32 35.34
CA LEU B 383 3.60 -16.95 34.92
C LEU B 383 2.56 -17.92 35.46
N LEU B 384 2.91 -19.20 35.49
CA LEU B 384 1.97 -20.22 35.93
C LEU B 384 1.90 -20.32 37.45
N GLU B 385 3.02 -20.08 38.12
CA GLU B 385 3.08 -20.13 39.58
C GLU B 385 2.22 -19.04 40.21
N HIS B 386 2.39 -17.81 39.74
CA HIS B 386 1.67 -16.67 40.30
C HIS B 386 0.30 -16.47 39.65
N GLY B 387 0.21 -16.78 38.35
CA GLY B 387 -1.03 -16.61 37.61
C GLY B 387 -1.15 -15.20 37.04
N LEU B 388 -2.07 -15.02 36.09
CA LEU B 388 -2.27 -13.72 35.45
C LEU B 388 -2.71 -12.65 36.44
N THR B 389 -3.59 -13.02 37.36
CA THR B 389 -4.12 -12.09 38.34
C THR B 389 -3.00 -11.45 39.16
N GLN B 390 -2.11 -12.28 39.70
CA GLN B 390 -1.00 -11.79 40.49
C GLN B 390 -0.05 -10.93 39.65
N PHE B 391 0.11 -11.32 38.39
CA PHE B 391 0.99 -10.59 37.48
C PHE B 391 0.49 -9.16 37.26
N VAL B 392 -0.79 -9.03 36.94
CA VAL B 392 -1.39 -7.73 36.68
C VAL B 392 -1.28 -6.82 37.91
N GLU B 393 -1.62 -7.36 39.07
CA GLU B 393 -1.56 -6.58 40.31
C GLU B 393 -0.15 -6.16 40.65
N SER B 394 0.81 -7.05 40.46
CA SER B 394 2.21 -6.76 40.77
C SER B 394 2.78 -5.72 39.82
N PHE B 395 2.50 -5.89 38.53
CA PHE B 395 3.07 -5.01 37.51
C PHE B 395 2.41 -3.65 37.48
N THR B 396 1.23 -3.54 38.07
CA THR B 396 0.55 -2.25 38.16
C THR B 396 1.19 -1.42 39.25
N ARG B 397 1.74 -2.10 40.27
CA ARG B 397 2.35 -1.43 41.40
C ARG B 397 3.80 -1.03 41.13
N GLN B 398 4.54 -1.87 40.42
CA GLN B 398 5.96 -1.64 40.20
C GLN B 398 6.23 -0.50 39.20
N ILE B 399 7.01 0.47 39.63
CA ILE B 399 7.33 1.62 38.80
C ILE B 399 8.44 1.28 37.80
N ALA B 400 8.42 1.96 36.67
CA ALA B 400 9.44 1.75 35.63
C ALA B 400 10.46 2.88 35.62
N GLY B 401 11.49 2.73 34.79
CA GLY B 401 12.58 3.69 34.75
C GLY B 401 12.35 4.87 33.83
N ARG B 402 13.09 5.95 34.07
CA ARG B 402 12.99 7.16 33.27
C ARG B 402 13.89 7.09 32.05
N VAL B 403 13.31 7.29 30.86
CA VAL B 403 14.04 7.13 29.62
C VAL B 403 15.04 8.26 29.38
N ALA B 404 14.55 9.49 29.31
CA ALA B 404 15.42 10.65 29.16
C ALA B 404 16.04 11.03 30.50
N GLY B 405 17.04 11.91 30.47
CA GLY B 405 17.67 12.36 31.69
C GLY B 405 19.05 11.79 31.92
N GLY B 406 19.44 10.84 31.07
CA GLY B 406 20.78 10.28 31.10
C GLY B 406 21.05 9.29 32.22
N ARG B 407 21.95 8.37 31.96
CA ARG B 407 22.44 7.46 32.97
C ARG B 407 21.37 6.63 33.65
N ASN B 408 20.63 5.87 32.88
CA ASN B 408 19.59 5.05 33.44
C ASN B 408 19.38 3.75 32.72
N VAL B 409 20.35 3.31 31.95
CA VAL B 409 20.22 2.05 31.24
C VAL B 409 20.78 0.95 32.10
N PRO B 410 19.95 0.02 32.50
CA PRO B 410 20.39 -1.10 33.35
C PRO B 410 21.51 -1.88 32.68
N ILE B 411 22.54 -2.24 33.45
CA ILE B 411 23.71 -2.90 32.90
C ILE B 411 23.38 -4.30 32.39
N ALA B 412 22.24 -4.83 32.82
CA ALA B 412 21.79 -6.15 32.38
C ALA B 412 21.53 -6.19 30.88
N VAL B 413 21.29 -5.02 30.28
CA VAL B 413 21.04 -4.95 28.85
C VAL B 413 21.99 -3.99 28.14
N GLN B 414 23.20 -3.86 28.69
CA GLN B 414 24.20 -2.94 28.13
C GLN B 414 24.64 -3.35 26.73
N ALA B 415 24.58 -4.65 26.44
CA ALA B 415 24.95 -5.15 25.12
C ALA B 415 23.94 -4.71 24.08
N VAL B 416 22.67 -4.70 24.47
CA VAL B 416 21.58 -4.25 23.61
C VAL B 416 21.68 -2.75 23.34
N ALA B 417 21.96 -1.99 24.39
CA ALA B 417 22.08 -0.54 24.28
C ALA B 417 23.26 -0.16 23.39
N LYS B 418 24.37 -0.86 23.55
CA LYS B 418 25.55 -0.61 22.73
C LYS B 418 25.26 -0.94 21.26
N ALA B 419 24.44 -1.96 21.05
CA ALA B 419 24.08 -2.39 19.69
C ALA B 419 23.23 -1.35 18.99
N SER B 420 22.41 -0.64 19.75
CA SER B 420 21.59 0.42 19.21
C SER B 420 22.45 1.52 18.62
N ILE B 421 23.56 1.81 19.29
CA ILE B 421 24.51 2.80 18.82
C ILE B 421 25.24 2.29 17.57
N ASP B 422 25.72 1.06 17.64
CA ASP B 422 26.49 0.47 16.55
C ASP B 422 25.67 0.30 15.28
N GLN B 423 24.44 -0.20 15.42
CA GLN B 423 23.59 -0.46 14.27
C GLN B 423 23.07 0.84 13.67
N SER B 424 22.98 1.89 14.47
CA SER B 424 22.60 3.20 13.96
C SER B 424 23.69 3.75 13.06
N ARG B 425 24.94 3.52 13.46
CA ARG B 425 26.10 3.95 12.67
C ARG B 425 26.23 3.08 11.44
N GLU B 426 25.94 1.78 11.59
CA GLU B 426 25.99 0.84 10.49
C GLU B 426 24.96 1.20 9.42
N MET B 427 23.82 1.72 9.86
CA MET B 427 22.76 2.14 8.94
C MET B 427 22.98 3.58 8.47
N LYS B 428 24.11 4.17 8.86
CA LYS B 428 24.50 5.52 8.46
C LYS B 428 23.42 6.57 8.75
N TYR B 429 23.01 6.66 10.02
CA TYR B 429 22.07 7.69 10.44
C TYR B 429 22.72 9.07 10.37
N GLN B 430 21.94 10.07 10.00
CA GLN B 430 22.40 11.45 10.10
C GLN B 430 22.40 11.88 11.57
N SER B 431 22.88 13.09 11.83
CA SER B 431 23.05 13.55 13.21
C SER B 431 21.73 13.88 13.88
N LEU B 432 21.81 14.15 15.19
CA LEU B 432 20.67 14.59 15.97
C LEU B 432 20.06 15.86 15.40
N ASN B 433 20.91 16.85 15.14
CA ASN B 433 20.45 18.15 14.67
C ASN B 433 19.81 18.12 13.30
N GLU B 434 20.30 17.21 12.44
CA GLU B 434 19.70 17.04 11.12
C GLU B 434 18.32 16.42 11.23
N TYR B 435 18.14 15.51 12.19
CA TYR B 435 16.83 14.91 12.42
C TYR B 435 15.89 15.89 13.09
N ARG B 436 16.44 16.75 13.95
CA ARG B 436 15.65 17.79 14.58
C ARG B 436 15.11 18.76 13.54
N LYS B 437 15.96 19.17 12.60
CA LYS B 437 15.53 20.07 11.54
C LYS B 437 14.51 19.40 10.62
N ARG B 438 14.65 18.08 10.47
CA ARG B 438 13.73 17.29 9.65
C ARG B 438 12.31 17.33 10.23
N PHE B 439 12.21 17.44 11.55
CA PHE B 439 10.91 17.51 12.21
C PHE B 439 10.65 18.89 12.79
N SER B 440 11.18 19.91 12.12
CA SER B 440 10.92 21.31 12.45
C SER B 440 11.32 21.71 13.87
N LEU B 441 12.42 21.12 14.34
CA LEU B 441 12.94 21.47 15.66
C LEU B 441 14.22 22.30 15.51
N LYS B 442 14.42 23.24 16.43
CA LYS B 442 15.65 24.02 16.46
C LYS B 442 16.83 23.13 16.84
N PRO B 443 17.92 23.22 16.09
CA PRO B 443 19.14 22.48 16.42
C PRO B 443 19.71 22.93 17.75
N TYR B 444 20.27 22.00 18.52
CA TYR B 444 20.95 22.37 19.75
C TYR B 444 22.25 23.10 19.41
N THR B 445 22.64 24.04 20.26
CA THR B 445 23.85 24.83 20.01
C THR B 445 24.97 24.45 20.96
N SER B 446 24.65 23.60 21.93
CA SER B 446 25.64 23.12 22.89
C SER B 446 25.16 21.81 23.51
N PHE B 447 26.08 21.06 24.11
CA PHE B 447 25.72 19.82 24.76
C PHE B 447 24.96 20.11 26.06
N GLU B 448 25.21 21.27 26.64
CA GLU B 448 24.54 21.67 27.86
C GLU B 448 23.07 21.99 27.60
N GLU B 449 22.80 22.56 26.44
CA GLU B 449 21.42 22.84 26.03
C GLU B 449 20.68 21.53 25.82
N LEU B 450 21.40 20.52 25.36
CA LEU B 450 20.82 19.20 25.09
C LEU B 450 20.44 18.48 26.37
N THR B 451 21.37 18.41 27.32
CA THR B 451 21.15 17.66 28.55
C THR B 451 20.52 18.50 29.66
N GLY B 452 20.72 19.80 29.61
CA GLY B 452 20.18 20.69 30.62
C GLY B 452 21.02 20.74 31.87
N GLU B 453 22.12 20.00 31.87
CA GLU B 453 23.06 19.97 32.97
C GLU B 453 24.48 20.16 32.50
N LYS B 454 25.46 19.94 33.36
CA LYS B 454 26.85 20.25 33.03
C LYS B 454 27.76 19.03 32.97
N GLU B 455 27.54 18.07 33.86
CA GLU B 455 28.43 16.92 33.99
C GLU B 455 28.42 16.02 32.75
N MET B 456 27.24 15.55 32.37
CA MET B 456 27.10 14.68 31.20
C MET B 456 27.45 15.42 29.92
N ALA B 457 27.09 16.70 29.86
CA ALA B 457 27.37 17.53 28.69
C ALA B 457 28.86 17.67 28.45
N ALA B 458 29.64 17.68 29.53
CA ALA B 458 31.09 17.80 29.43
C ALA B 458 31.70 16.50 28.91
N GLU B 459 31.14 15.37 29.36
CA GLU B 459 31.60 14.07 28.90
C GLU B 459 31.31 13.89 27.41
N LEU B 460 30.12 14.32 27.00
CA LEU B 460 29.72 14.24 25.60
C LEU B 460 30.59 15.11 24.71
N LYS B 461 30.90 16.31 25.19
CA LYS B 461 31.69 17.26 24.42
C LYS B 461 33.10 16.74 24.20
N ALA B 462 33.67 16.07 25.19
CA ALA B 462 34.99 15.49 25.07
C ALA B 462 35.00 14.35 24.06
N LEU B 463 33.84 13.79 23.83
CA LEU B 463 33.67 12.65 22.97
C LEU B 463 33.37 13.04 21.55
N TYR B 464 32.43 13.95 21.36
CA TYR B 464 31.97 14.33 20.03
C TYR B 464 32.56 15.61 19.51
N SER B 465 32.83 16.55 20.41
CA SER B 465 33.48 17.81 20.09
C SER B 465 32.51 18.80 19.55
N ASP B 466 31.80 18.42 18.50
CA ASP B 466 30.88 19.32 17.82
C ASP B 466 29.49 18.85 18.10
N ILE B 467 28.61 19.74 18.49
CA ILE B 467 27.25 19.37 18.80
C ILE B 467 26.51 18.86 17.56
N ASP B 468 26.93 19.31 16.39
CA ASP B 468 26.30 18.91 15.13
C ASP B 468 26.70 17.50 14.71
N VAL B 469 27.39 16.82 15.59
CA VAL B 469 27.89 15.50 15.32
C VAL B 469 27.32 14.53 16.35
N MET B 470 26.55 15.07 17.27
CA MET B 470 25.88 14.26 18.28
C MET B 470 24.90 13.29 17.62
N GLU B 471 24.94 12.03 18.05
CA GLU B 471 24.09 11.00 17.47
C GLU B 471 22.68 11.03 18.03
N LEU B 472 21.73 10.55 17.23
CA LEU B 472 20.31 10.60 17.59
C LEU B 472 19.97 9.73 18.80
N TYR B 473 20.32 8.45 18.74
CA TYR B 473 19.93 7.51 19.79
C TYR B 473 20.48 7.87 21.18
N PRO B 474 21.80 8.15 21.31
CA PRO B 474 22.29 8.48 22.64
C PRO B 474 21.68 9.77 23.19
N ALA B 475 21.39 10.72 22.30
CA ALA B 475 20.83 12.00 22.71
C ALA B 475 19.46 11.83 23.34
N LEU B 476 18.65 10.95 22.76
CA LEU B 476 17.32 10.67 23.26
C LEU B 476 17.32 10.26 24.73
N LEU B 477 18.36 9.55 25.14
CA LEU B 477 18.43 9.03 26.50
C LEU B 477 19.04 10.04 27.48
N VAL B 478 19.82 10.99 26.95
CA VAL B 478 20.48 11.97 27.82
C VAL B 478 19.81 13.33 27.76
N GLU B 479 18.83 13.45 26.89
CA GLU B 479 18.17 14.70 26.66
C GLU B 479 17.56 15.23 27.91
N LYS B 480 17.49 16.54 28.01
CA LYS B 480 16.85 17.18 29.11
C LYS B 480 15.39 16.89 29.03
N PRO B 481 14.86 16.17 30.12
CA PRO B 481 13.44 15.89 30.00
C PRO B 481 12.56 17.10 30.07
N ARG B 482 11.30 16.93 29.76
CA ARG B 482 10.32 17.95 30.00
C ARG B 482 10.07 18.00 31.49
N PRO B 483 9.49 19.07 32.00
CA PRO B 483 9.24 19.18 33.44
C PRO B 483 8.48 17.98 34.01
N ASP B 484 9.17 17.18 34.82
CA ASP B 484 8.60 15.99 35.46
C ASP B 484 7.99 15.03 34.45
N ALA B 485 8.70 14.83 33.33
CA ALA B 485 8.22 13.93 32.28
C ALA B 485 9.24 12.83 32.00
N ILE B 486 8.82 11.84 31.23
CA ILE B 486 9.67 10.69 30.93
C ILE B 486 10.55 10.94 29.70
N PHE B 487 10.12 11.86 28.84
CA PHE B 487 10.81 12.12 27.57
C PHE B 487 11.28 13.55 27.43
N GLY B 488 12.24 13.76 26.54
CA GLY B 488 12.65 15.09 26.14
C GLY B 488 11.88 15.51 24.91
N GLU B 489 12.17 16.70 24.40
CA GLU B 489 11.47 17.24 23.23
C GLU B 489 11.61 16.34 22.00
N THR B 490 12.83 15.90 21.71
CA THR B 490 13.13 15.17 20.49
C THR B 490 12.38 13.85 20.36
N MET B 491 12.29 13.10 21.46
CA MET B 491 11.60 11.82 21.47
C MET B 491 10.14 11.96 21.05
N VAL B 492 9.47 12.99 21.55
CA VAL B 492 8.05 13.19 21.28
C VAL B 492 7.81 13.72 19.87
N GLU B 493 8.52 14.79 19.49
CA GLU B 493 8.28 15.45 18.22
C GLU B 493 8.59 14.55 17.02
N LEU B 494 9.45 13.56 17.23
CA LEU B 494 9.80 12.63 16.16
C LEU B 494 8.90 11.41 16.18
N GLY B 495 8.65 10.87 17.37
CA GLY B 495 7.93 9.62 17.50
C GLY B 495 6.44 9.71 17.25
N ALA B 496 5.83 10.82 17.66
CA ALA B 496 4.38 11.00 17.55
C ALA B 496 3.87 10.97 16.10
N PRO B 497 4.56 11.66 15.17
CA PRO B 497 4.07 11.51 13.79
C PRO B 497 4.25 10.10 13.23
N PHE B 498 5.30 9.38 13.65
CA PHE B 498 5.47 7.99 13.23
C PHE B 498 4.33 7.16 13.75
N SER B 499 3.95 7.43 15.00
CA SER B 499 2.93 6.67 15.71
C SER B 499 1.53 6.86 15.13
N LEU B 500 1.08 8.11 15.06
CA LEU B 500 -0.28 8.40 14.62
C LEU B 500 -0.50 8.02 13.15
N LYS B 501 0.56 8.13 12.36
CA LYS B 501 0.50 7.74 10.96
C LYS B 501 0.29 6.23 10.85
N GLY B 502 0.90 5.47 11.76
CA GLY B 502 0.78 4.02 11.74
C GLY B 502 -0.54 3.54 12.33
N LEU B 503 -1.10 4.32 13.25
CA LEU B 503 -2.36 3.97 13.88
C LEU B 503 -3.54 4.29 12.95
N MET B 504 -3.62 5.54 12.50
CA MET B 504 -4.74 5.97 11.65
C MET B 504 -4.56 5.51 10.20
N GLY B 505 -3.34 5.15 9.83
CA GLY B 505 -3.07 4.65 8.48
C GLY B 505 -3.67 3.28 8.22
N ASN B 506 -4.03 2.57 9.29
CA ASN B 506 -4.64 1.24 9.18
C ASN B 506 -5.89 1.26 8.31
N PRO B 507 -6.06 0.24 7.47
CA PRO B 507 -7.21 0.20 6.54
C PRO B 507 -8.58 0.15 7.22
N ILE B 508 -8.64 -0.27 8.49
CA ILE B 508 -9.92 -0.29 9.20
C ILE B 508 -10.34 1.12 9.61
N CYS B 509 -9.43 2.07 9.45
CA CYS B 509 -9.72 3.47 9.74
C CYS B 509 -10.23 4.19 8.50
N SER B 510 -10.15 3.53 7.36
CA SER B 510 -10.65 4.10 6.11
C SER B 510 -12.17 4.05 6.11
N PRO B 511 -12.82 5.02 5.43
CA PRO B 511 -14.28 5.12 5.44
C PRO B 511 -15.01 3.87 4.94
N GLN B 512 -14.44 3.13 4.00
CA GLN B 512 -15.10 1.92 3.51
C GLN B 512 -15.07 0.80 4.54
N TYR B 513 -14.08 0.83 5.42
CA TYR B 513 -13.96 -0.17 6.47
C TYR B 513 -14.64 0.25 7.78
N TRP B 514 -14.57 1.54 8.11
CA TRP B 514 -15.06 2.01 9.40
C TRP B 514 -16.59 2.02 9.43
N LYS B 515 -17.16 0.82 9.35
CA LYS B 515 -18.60 0.62 9.40
C LYS B 515 -18.90 -0.48 10.42
N PRO B 516 -20.09 -0.45 11.03
CA PRO B 516 -20.47 -1.52 11.96
C PRO B 516 -20.49 -2.90 11.31
N SER B 517 -20.93 -2.99 10.04
CA SER B 517 -21.05 -4.27 9.37
C SER B 517 -19.68 -4.94 9.13
N THR B 518 -18.64 -4.12 9.08
CA THR B 518 -17.28 -4.64 8.92
C THR B 518 -16.91 -5.53 10.11
N PHE B 519 -17.41 -5.16 11.29
CA PHE B 519 -17.09 -5.85 12.52
C PHE B 519 -18.27 -6.68 13.05
N GLY B 520 -19.14 -7.11 12.15
CA GLY B 520 -20.21 -8.01 12.51
C GLY B 520 -21.42 -7.36 13.17
N GLY B 521 -21.60 -6.06 12.96
CA GLY B 521 -22.75 -5.36 13.50
C GLY B 521 -22.38 -4.35 14.58
N GLU B 522 -23.39 -3.80 15.25
CA GLU B 522 -23.17 -2.79 16.28
C GLU B 522 -22.50 -3.38 17.50
N VAL B 523 -22.74 -4.67 17.76
CA VAL B 523 -22.16 -5.35 18.91
C VAL B 523 -20.64 -5.44 18.77
N GLY B 524 -20.18 -5.85 17.60
CA GLY B 524 -18.76 -5.90 17.33
C GLY B 524 -18.14 -4.52 17.34
N PHE B 525 -18.83 -3.56 16.74
CA PHE B 525 -18.36 -2.19 16.64
C PHE B 525 -18.18 -1.57 18.03
N LYS B 526 -19.08 -1.90 18.95
CA LYS B 526 -19.04 -1.33 20.29
C LYS B 526 -17.83 -1.81 21.07
N ILE B 527 -17.45 -3.07 20.86
CA ILE B 527 -16.27 -3.63 21.51
C ILE B 527 -15.04 -2.78 21.22
N ILE B 528 -14.91 -2.34 19.98
CA ILE B 528 -13.82 -1.44 19.60
C ILE B 528 -13.92 -0.09 20.30
N ASN B 529 -15.07 0.54 20.17
CA ASN B 529 -15.24 1.91 20.64
C ASN B 529 -15.38 2.05 22.15
N THR B 530 -15.44 0.93 22.86
CA THR B 530 -15.51 0.97 24.32
C THR B 530 -14.30 0.30 24.96
N ALA B 531 -13.38 -0.16 24.12
CA ALA B 531 -12.18 -0.87 24.59
C ALA B 531 -11.30 0.02 25.48
N SER B 532 -10.70 -0.60 26.49
CA SER B 532 -9.76 0.08 27.37
C SER B 532 -8.82 -0.94 27.98
N ILE B 533 -7.66 -0.48 28.45
CA ILE B 533 -6.69 -1.39 29.06
C ILE B 533 -7.29 -2.06 30.30
N GLN B 534 -8.20 -1.36 30.97
CA GLN B 534 -8.86 -1.88 32.16
C GLN B 534 -9.84 -3.00 31.81
N SER B 535 -10.70 -2.75 30.84
CA SER B 535 -11.71 -3.73 30.44
C SER B 535 -11.07 -4.95 29.78
N LEU B 536 -9.92 -4.77 29.18
CA LEU B 536 -9.22 -5.88 28.59
C LEU B 536 -8.75 -6.80 29.67
N ILE B 537 -8.31 -6.26 30.79
CA ILE B 537 -7.85 -7.08 31.87
C ILE B 537 -9.05 -7.61 32.63
N CYS B 538 -10.07 -6.80 32.74
CA CYS B 538 -11.26 -7.20 33.45
C CYS B 538 -11.94 -8.30 32.70
N ASN B 539 -11.72 -8.33 31.40
CA ASN B 539 -12.43 -9.25 30.52
C ASN B 539 -11.55 -10.43 30.09
N ASN B 540 -10.44 -10.62 30.80
CA ASN B 540 -9.51 -11.70 30.50
C ASN B 540 -8.74 -12.16 31.73
N VAL B 541 -8.64 -11.27 32.71
CA VAL B 541 -7.92 -11.59 33.95
C VAL B 541 -8.88 -12.08 35.03
N LYS B 542 -8.56 -13.24 35.60
CA LYS B 542 -9.39 -13.82 36.65
C LYS B 542 -9.59 -12.84 37.80
N GLY B 543 -10.76 -12.90 38.42
CA GLY B 543 -11.08 -12.02 39.53
C GLY B 543 -11.22 -10.57 39.10
N CYS B 544 -10.81 -10.28 37.88
CA CYS B 544 -10.88 -8.93 37.34
C CYS B 544 -10.17 -7.94 38.25
N PRO B 545 -8.84 -7.90 38.13
CA PRO B 545 -8.03 -6.99 38.96
C PRO B 545 -7.89 -5.61 38.32
N PHE B 546 -7.72 -4.58 39.15
CA PHE B 546 -7.57 -3.23 38.67
C PHE B 546 -6.24 -3.06 38.00
N THR B 547 -6.19 -2.23 36.99
CA THR B 547 -4.91 -1.98 36.34
C THR B 547 -4.94 -0.65 35.59
N SER B 548 -3.75 -0.11 35.38
CA SER B 548 -3.58 1.11 34.62
C SER B 548 -2.12 1.18 34.17
N PHE B 549 -1.77 2.23 33.45
CA PHE B 549 -0.41 2.37 32.95
C PHE B 549 0.44 3.21 33.89
N ASN B 550 -0.07 3.45 35.10
CA ASN B 550 0.69 4.19 36.10
C ASN B 550 0.44 3.67 37.51
N VAL B 551 1.39 3.94 38.41
CA VAL B 551 1.30 3.47 39.79
C VAL B 551 0.47 4.43 40.65
C1 NAG C . -2.71 -15.88 0.03
C2 NAG C . -1.57 -16.51 0.82
C3 NAG C . -1.19 -17.86 0.24
C4 NAG C . -2.41 -18.76 0.10
C5 NAG C . -3.49 -18.04 -0.70
C6 NAG C . -4.77 -18.80 -0.80
C7 NAG C . 0.15 -15.16 1.96
C8 NAG C . 1.35 -14.27 1.78
N2 NAG C . -0.40 -15.63 0.84
O3 NAG C . -0.23 -18.49 1.08
O4 NAG C . -2.06 -19.96 -0.56
O5 NAG C . -3.80 -16.80 -0.05
O6 NAG C . -5.33 -19.08 0.48
O7 NAG C . -0.28 -15.46 3.07
C1 NAG C . -2.27 -21.09 0.33
C2 NAG C . -2.31 -22.36 -0.55
C3 NAG C . -2.40 -23.61 0.33
C4 NAG C . -1.33 -23.59 1.41
C5 NAG C . -1.42 -22.29 2.19
C6 NAG C . -0.35 -22.17 3.26
C7 NAG C . -3.36 -21.75 -2.68
C8 NAG C . -4.62 -21.79 -3.50
N2 NAG C . -3.44 -22.31 -1.47
O3 NAG C . -2.24 -24.75 -0.49
O4 NAG C . -1.49 -24.70 2.28
O5 NAG C . -1.24 -21.20 1.29
O6 NAG C . 0.94 -21.99 2.70
O7 NAG C . -2.33 -21.24 -3.10
C1 NAG D . 14.64 -6.74 -1.09
C2 NAG D . 14.48 -7.96 -2.01
C3 NAG D . 15.44 -9.07 -1.58
C4 NAG D . 16.87 -8.57 -1.45
C5 NAG D . 16.89 -7.36 -0.53
C6 NAG D . 18.26 -6.73 -0.40
C7 NAG D . 12.34 -8.49 -3.09
C8 NAG D . 10.95 -9.00 -2.88
N2 NAG D . 13.11 -8.42 -1.99
O3 NAG D . 15.39 -10.13 -2.54
O4 NAG D . 17.69 -9.58 -0.91
O5 NAG D . 16.01 -6.35 -1.03
O6 NAG D . 18.71 -6.28 -1.68
O7 NAG D . 12.76 -8.13 -4.19
C1 NAG D . 18.81 -9.89 -1.78
C2 NAG D . 19.84 -10.65 -0.96
C3 NAG D . 21.03 -11.07 -1.83
C4 NAG D . 20.54 -11.80 -3.08
C5 NAG D . 19.50 -10.96 -3.80
C6 NAG D . 18.90 -11.66 -5.00
C7 NAG D . 19.82 -9.98 1.41
C8 NAG D . 20.42 -9.08 2.44
N2 NAG D . 20.30 -9.86 0.17
O3 NAG D . 21.89 -11.91 -1.08
O4 NAG D . 21.64 -12.06 -3.94
O5 NAG D . 18.42 -10.67 -2.90
O6 NAG D . 17.51 -11.88 -4.83
O7 NAG D . 18.94 -10.79 1.68
C1 NAG E . 7.55 -18.47 -39.07
C2 NAG E . 6.72 -19.58 -39.75
C3 NAG E . 7.32 -19.93 -41.11
C4 NAG E . 7.48 -18.67 -41.97
C5 NAG E . 8.32 -17.66 -41.20
C6 NAG E . 8.49 -16.35 -41.94
C7 NAG E . 5.55 -21.47 -38.72
C8 NAG E . 5.67 -22.66 -37.82
N2 NAG E . 6.66 -20.76 -38.91
O3 NAG E . 6.47 -20.86 -41.78
O4 NAG E . 8.11 -18.99 -43.20
O5 NAG E . 7.67 -17.35 -39.96
O6 NAG E . 9.64 -15.65 -41.50
O7 NAG E . 4.48 -21.17 -39.26
C1 NAG F . -36.34 -4.88 0.78
C2 NAG F . -37.82 -4.55 0.55
C3 NAG F . -38.69 -5.78 0.81
C4 NAG F . -38.18 -6.98 0.00
C5 NAG F . -36.71 -7.21 0.32
C6 NAG F . -36.10 -8.34 -0.47
C7 NAG F . -38.22 -2.18 1.02
C8 NAG F . -38.68 -1.17 2.04
N2 NAG F . -38.24 -3.45 1.42
O3 NAG F . -40.04 -5.50 0.45
O4 NAG F . -38.93 -8.14 0.33
O5 NAG F . -35.97 -6.02 -0.01
O6 NAG F . -35.48 -7.87 -1.66
O7 NAG F . -37.84 -1.84 -0.09
OAB LUR G . -6.53 1.21 -19.75
CAN LUR G . -7.31 2.02 -20.20
OAC LUR G . -7.40 3.22 -19.63
CAL LUR G . -8.18 1.68 -21.39
CAR LUR G . -9.58 1.44 -20.93
CAK LUR G . -10.04 0.14 -20.70
CAO LUR G . -11.35 -0.06 -20.28
CAA LUR G . -11.83 -1.47 -20.05
CAI LUR G . -12.21 1.01 -20.08
CAJ LUR G . -11.80 2.33 -20.27
CAS LUR G . -10.50 2.58 -20.69
NAM LUR G . -10.05 3.84 -20.92
CAT LUR G . -10.86 4.93 -20.90
CAQ LUR G . -10.70 5.96 -19.85
CLE LUR G . -9.45 5.79 -18.59
CAH LUR G . -11.54 7.08 -19.88
CAF LUR G . -12.51 7.22 -20.87
CAG LUR G . -12.70 6.27 -21.87
CAP LUR G . -11.90 5.13 -21.93
FAD LUR G . -12.08 4.22 -22.90
C1 NAG H . 12.16 -19.87 37.21
C2 NAG H . 13.53 -20.00 37.87
C3 NAG H . 13.42 -20.71 39.21
C4 NAG H . 12.37 -20.04 40.09
C5 NAG H . 11.05 -19.99 39.34
C6 NAG H . 9.96 -19.27 40.11
C7 NAG H . 15.51 -20.08 36.42
C8 NAG H . 16.37 -20.96 35.55
N2 NAG H . 14.47 -20.69 37.00
O3 NAG H . 14.68 -20.70 39.87
O4 NAG H . 12.20 -20.76 41.31
O5 NAG H . 11.24 -19.25 38.12
O6 NAG H . 8.67 -19.69 39.68
O7 NAG H . 15.75 -18.89 36.58
C1 NAG I . 24.38 27.33 0.51
C2 NAG I . 24.92 28.75 0.70
C3 NAG I . 26.42 28.79 0.42
C4 NAG I . 27.15 27.73 1.23
C5 NAG I . 26.52 26.36 0.95
C6 NAG I . 27.14 25.25 1.76
C7 NAG I . 23.19 30.43 0.24
C8 NAG I . 22.58 31.34 -0.79
N2 NAG I . 24.22 29.68 -0.17
O3 NAG I . 26.93 30.08 0.77
O4 NAG I . 28.53 27.70 0.88
O5 NAG I . 25.14 26.41 1.29
O6 NAG I . 26.38 24.98 2.92
O7 NAG I . 22.76 30.37 1.38
OAB LUR J . 3.70 4.44 19.96
CAN LUR J . 3.40 5.46 20.57
OAC LUR J . 2.35 6.17 20.14
CAL LUR J . 4.18 5.90 21.77
CAR LUR J . 5.20 6.95 21.39
CAK LUR J . 6.50 6.60 21.08
CAO LUR J . 7.42 7.57 20.74
CAA LUR J . 8.84 7.18 20.40
CAI LUR J . 7.06 8.92 20.70
CAJ LUR J . 5.76 9.33 20.99
CAS LUR J . 4.80 8.38 21.34
NAM LUR J . 3.53 8.72 21.64
CAT LUR J . 3.11 10.00 21.76
CAQ LUR J . 2.13 10.57 20.81
CLE LUR J . 1.46 9.57 19.47
CAH LUR J . 1.71 11.89 20.96
CAF LUR J . 2.21 12.68 22.00
CAG LUR J . 3.13 12.19 22.92
CAP LUR J . 3.61 10.88 22.84
FAD LUR J . 4.51 10.43 23.73
C1 BOG K . 31.94 8.29 34.94
O1 BOG K . 31.73 7.34 33.98
C2 BOG K . 31.69 9.63 34.31
O2 BOG K . 32.71 9.92 33.47
C3 BOG K . 31.53 10.69 35.39
O3 BOG K . 30.97 11.81 34.80
C4 BOG K . 30.65 10.25 36.54
O4 BOG K . 30.75 11.08 37.64
C5 BOG K . 31.01 8.86 36.97
O5 BOG K . 31.01 8.00 35.89
C6 BOG K . 29.98 8.32 37.89
O6 BOG K . 28.73 8.59 37.44
C1' BOG K . 32.77 6.50 33.64
C2' BOG K . 32.88 5.55 34.81
C3' BOG K . 33.13 4.19 34.21
C4' BOG K . 31.77 3.57 33.94
C5' BOG K . 30.97 3.48 35.25
C6' BOG K . 29.55 3.14 34.86
C7' BOG K . 29.00 2.03 35.74
C8' BOG K . 27.66 2.51 36.23
#